data_5CPK
#
_entry.id   5CPK
#
_cell.length_a   105.197
_cell.length_b   109.297
_cell.length_c   173.686
_cell.angle_alpha   90.00
_cell.angle_beta   90.00
_cell.angle_gamma   90.00
#
_symmetry.space_group_name_H-M   'P 21 21 21'
#
loop_
_entity.id
_entity.type
_entity.pdbx_description
1 polymer 'Histone H3.1'
2 polymer 'Histone H4'
3 polymer 'Histone H2A type 1-B/E'
4 polymer 'Histone H2B type 1-J'
5 polymer 'DNA (145-MER)'
6 polymer 'DNA (145-MER)'
#
loop_
_entity_poly.entity_id
_entity_poly.type
_entity_poly.pdbx_seq_one_letter_code
_entity_poly.pdbx_strand_id
1 'polypeptide(L)'
;GSHMARTKQTARKSTGGKAPRKQLATKAARKSAPATGGVKKPHRYRPGTVALREIRRYQKSTELLIRKLPFQRLVREIAQ
DFKTDLRFQSSAVMALQEACEAYLVGLFEDTNLCAIHAKRVTIMPKDIQLARRIRGERA
;
A,E
2 'polypeptide(L)'
;GSHMSGRGKGGKGLGKGGAKRHRKVLRDNIQGITKPAIRRLARRGGVKRISGLIYEETRGVLKVFLENVIRDAVTYTEHA
KRKTVTAMDVVYALKRQGRTLYGFGG
;
B,F
3 'polypeptide(L)'
;GSHMSGRGKQGGKARAKAKTRSSRAGLQFPVGRVHRLLRKGNYSERVGAGAPVYLAAVLEYLTAEILELAGNAARDNKKT
RIIPRHLQLAIRNDEELNKLLGRVTIAQGGVLPNIQAVLLPKKTESHHKAKGK
;
C,G
4 'polypeptide(L)'
;GSHMPEPAKSAPAPKKGSKKAVTKAQKKDGKKRKRSRKESYSIYVYKVLKQVHPDTGISSKAMGIMNSFVNDIFERIAGE
ASRLAHYNKRSTITSREIQTAVRLLLPGELAKHAVSEGTKAVTKYTSAK
;
D,H
5 'polydeoxyribonucleotide'
;(DA)(DT)(DC)(DA)(DT)(DG)(DG)(DA)(DA)(DT)(DC)(DA)(DT)(DT)(DG)(DA)(DA)(DT)(DG)(DG)
(DA)(DA)(DA)(DT)(DG)(DA)(DA)(DT)(DG)(DG)(DA)(DA)(DT)(DC)(DA)(DT)(DT)(DG)(DG)(DT)
(DT)(DG)(DG)(DA)(DC)(DT)(DC)(DA)(DA)(DA)(DT)(DG)(DG)(DA)(DA)(DT)(DT)(DT)(DT)
(5CM)(DG)(DA)(DA)(DC)(DA)(DG)(DG)(DC)(DT)(DC)(DA)(DA)(DA)(DT)(DG)(DG)(DA)(DA)
(DT)(DC)(DT)(DT)(5CM)(DG)(DA)(DA)(DT)(DG)(DG)(DA)(DT)(DT)(5CM)(DG)(DA)(DA)(DT)
(DG)(DT)(DA)(DA)(DT)(DC)(DA)(DT)(DT)(DT)(DT)(5CM)(DG)(DA)(DA)(DT)(DG)(DG)(DA)
(DT)(DT)(5CM)(DG)(DA)(DA)(DT)(DG)(DG)(DA)(DA)(DT)(DC)(DT)(DT)(5CM)(DG)(DA)(DA)
(DT)(DG)(DG)(DA)(DA)(DA)(DT)(DG)(DA)(DT)
;
I
6 'polydeoxyribonucleotide'
;(DA)(DT)(DC)(DA)(DT)(DT)(DT)(DC)(DC)(DA)(DT)(DT)(5CM)(DG)(DA)(DA)(DG)(DA)(DT)
(DT)(DC)(DC)(DA)(DT)(DT)(5CM)(DG)(DA)(DA)(DT)(DC)(DC)(DA)(DT)(DT)(5CM)(DG)(DA)
(DA)(DA)(DA)(DT)(DG)(DA)(DT)(DT)(DA)(DC)(DA)(DT)(DT)(5CM)(DG)(DA)(DA)(DT)(DC)
(DC)(DA)(DT)(DT)(5CM)(DG)(DA)(DA)(DG)(DA)(DT)(DT)(DC)(DC)(DA)(DT)(DT)(DT)(DG)
(DA)(DG)(DC)(DC)(DT)(DG)(DT)(DT)(5CM)(DG)(DA)(DA)(DA)(DA)(DT)(DT)(DC)(DC)(DA)
(DT)(DT)(DT)(DG)(DA)(DG)(DT)(DC)(DC)(DA)(DA)(DC)(DC)(DA)(DA)(DT)(DG)(DA)(DT)(DT)
(DC)(DC)(DT)(DC)(DT)(DC)(DA)(DT)(DT)(DT)(DC)(DC)(DA)(DT)(DT)(DC)(DA)(DA)(DT)(DG)
(DA)(DT)(DT)(DC)(DC)(DA)(DT)(DG)(DA)(DT)
;
J
#
loop_
_chem_comp.id
_chem_comp.type
_chem_comp.name
_chem_comp.formula
5CM DNA linking 5-METHYL-2'-DEOXY-CYTIDINE-5'-MONOPHOSPHATE 'C10 H16 N3 O7 P'
DA DNA linking 2'-DEOXYADENOSINE-5'-MONOPHOSPHATE 'C10 H14 N5 O6 P'
DC DNA linking 2'-DEOXYCYTIDINE-5'-MONOPHOSPHATE 'C9 H14 N3 O7 P'
DG DNA linking 2'-DEOXYGUANOSINE-5'-MONOPHOSPHATE 'C10 H14 N5 O7 P'
DT DNA linking THYMIDINE-5'-MONOPHOSPHATE 'C10 H15 N2 O8 P'
#
# COMPACT_ATOMS: atom_id res chain seq x y z
N PRO A 42 36.90 -34.42 -24.62
CA PRO A 42 35.85 -33.43 -24.31
C PRO A 42 35.19 -33.69 -22.95
N HIS A 43 34.89 -32.66 -22.14
CA HIS A 43 34.00 -32.79 -20.99
C HIS A 43 33.14 -31.54 -20.85
N ARG A 44 31.86 -31.76 -20.60
CA ARG A 44 30.82 -30.73 -20.55
C ARG A 44 29.92 -31.03 -19.35
N TYR A 45 29.63 -30.02 -18.56
CA TYR A 45 28.72 -30.22 -17.44
C TYR A 45 27.34 -30.60 -17.95
N ARG A 46 26.58 -31.24 -17.08
CA ARG A 46 25.24 -31.63 -17.46
C ARG A 46 24.34 -30.40 -17.43
N PRO A 47 23.35 -30.34 -18.32
CA PRO A 47 22.43 -29.20 -18.34
C PRO A 47 21.72 -29.05 -16.99
N GLY A 48 21.80 -27.84 -16.45
CA GLY A 48 21.24 -27.50 -15.17
C GLY A 48 22.25 -27.21 -14.11
N THR A 49 23.49 -27.68 -14.28
CA THR A 49 24.50 -27.48 -13.23
C THR A 49 25.04 -26.06 -13.27
N VAL A 50 25.43 -25.58 -14.46
CA VAL A 50 25.94 -24.23 -14.55
C VAL A 50 24.85 -23.24 -14.22
N ALA A 51 23.59 -23.60 -14.44
CA ALA A 51 22.48 -22.78 -13.95
C ALA A 51 22.52 -22.70 -12.42
N LEU A 52 22.47 -23.83 -11.74
CA LEU A 52 22.51 -23.82 -10.28
C LEU A 52 23.71 -23.03 -9.77
N ARG A 53 24.84 -23.11 -10.46
CA ARG A 53 26.00 -22.38 -9.98
C ARG A 53 25.87 -20.89 -10.28
N GLU A 54 25.17 -20.51 -11.36
CA GLU A 54 24.86 -19.11 -11.61
C GLU A 54 23.95 -18.54 -10.53
N ILE A 55 22.95 -19.33 -10.13
CA ILE A 55 22.10 -18.95 -9.01
C ILE A 55 22.96 -18.68 -7.78
N ARG A 56 23.89 -19.60 -7.48
CA ARG A 56 24.71 -19.40 -6.28
C ARG A 56 25.54 -18.12 -6.37
N ARG A 57 26.07 -17.84 -7.56
CA ARG A 57 26.98 -16.71 -7.74
C ARG A 57 26.27 -15.36 -7.65
N TYR A 58 25.09 -15.26 -8.26
CA TYR A 58 24.42 -13.98 -8.25
C TYR A 58 23.60 -13.77 -6.98
N GLN A 59 23.18 -14.83 -6.30
CA GLN A 59 22.57 -14.60 -4.99
C GLN A 59 23.62 -14.29 -3.93
N LYS A 60 24.89 -14.55 -4.22
CA LYS A 60 25.96 -14.24 -3.27
C LYS A 60 26.49 -12.83 -3.43
N SER A 61 26.07 -12.10 -4.47
CA SER A 61 26.64 -10.79 -4.75
C SER A 61 25.54 -9.75 -4.91
N THR A 62 25.94 -8.47 -4.93
CA THR A 62 24.99 -7.36 -4.99
C THR A 62 25.16 -6.43 -6.19
N GLU A 63 26.08 -6.71 -7.11
CA GLU A 63 26.31 -5.80 -8.22
C GLU A 63 25.06 -5.72 -9.11
N LEU A 64 24.89 -4.57 -9.75
CA LEU A 64 23.88 -4.42 -10.78
C LEU A 64 24.21 -5.32 -11.97
N LEU A 65 23.19 -6.00 -12.49
CA LEU A 65 23.37 -7.04 -13.50
C LEU A 65 23.17 -6.56 -14.94
N ILE A 66 22.46 -5.48 -15.16
CA ILE A 66 22.34 -4.91 -16.50
C ILE A 66 23.52 -3.98 -16.73
N ARG A 67 24.12 -4.06 -17.91
CA ARG A 67 25.23 -3.17 -18.16
C ARG A 67 24.66 -1.75 -18.26
N LYS A 68 25.48 -0.76 -17.89
CA LYS A 68 24.89 0.50 -17.43
C LYS A 68 24.54 1.45 -18.58
N LEU A 69 25.41 1.55 -19.57
CA LEU A 69 25.15 2.45 -20.69
C LEU A 69 23.83 2.13 -21.40
N PRO A 70 23.54 0.88 -21.77
CA PRO A 70 22.22 0.61 -22.39
C PRO A 70 21.06 1.06 -21.55
N PHE A 71 21.13 0.82 -20.23
CA PHE A 71 20.05 1.18 -19.31
C PHE A 71 19.91 2.70 -19.22
N GLN A 72 21.02 3.42 -19.26
CA GLN A 72 20.94 4.86 -19.30
C GLN A 72 20.27 5.32 -20.58
N ARG A 73 20.61 4.69 -21.70
CA ARG A 73 19.95 5.01 -22.96
C ARG A 73 18.46 4.76 -22.86
N LEU A 74 18.07 3.59 -22.36
CA LEU A 74 16.65 3.27 -22.22
C LEU A 74 15.95 4.29 -21.35
N VAL A 75 16.60 4.75 -20.29
CA VAL A 75 15.97 5.71 -19.38
C VAL A 75 15.77 7.04 -20.06
N ARG A 76 16.80 7.55 -20.75
CA ARG A 76 16.68 8.85 -21.42
C ARG A 76 15.63 8.81 -22.53
N GLU A 77 15.61 7.73 -23.31
CA GLU A 77 14.56 7.60 -24.32
C GLU A 77 13.19 7.67 -23.67
N ILE A 78 12.95 6.82 -22.67
CA ILE A 78 11.62 6.76 -22.06
C ILE A 78 11.22 8.12 -21.53
N ALA A 79 12.13 8.79 -20.83
CA ALA A 79 11.83 10.09 -20.22
C ALA A 79 11.53 11.14 -21.28
N GLN A 80 12.20 11.05 -22.44
CA GLN A 80 11.94 12.05 -23.48
C GLN A 80 10.45 12.12 -23.82
N ASP A 81 9.80 10.97 -23.99
CA ASP A 81 8.39 10.94 -24.36
C ASP A 81 7.48 11.62 -23.35
N PHE A 82 8.01 12.09 -22.23
CA PHE A 82 7.15 12.73 -21.25
C PHE A 82 7.41 14.22 -21.18
N LYS A 83 8.70 14.58 -21.16
CA LYS A 83 9.10 15.97 -21.24
C LYS A 83 10.42 16.07 -21.97
N THR A 84 10.53 17.08 -22.80
CA THR A 84 11.68 17.32 -23.61
C THR A 84 12.24 18.66 -23.17
N ASP A 85 13.56 18.78 -23.18
CA ASP A 85 14.46 17.66 -23.11
C ASP A 85 15.16 17.87 -21.79
N LEU A 86 15.30 16.76 -21.07
CA LEU A 86 15.63 16.70 -19.66
C LEU A 86 17.05 16.25 -19.44
N ARG A 87 17.54 16.51 -18.23
CA ARG A 87 18.76 15.87 -17.78
C ARG A 87 18.59 15.18 -16.43
N PHE A 88 19.67 14.50 -16.02
CA PHE A 88 19.66 13.53 -14.95
C PHE A 88 20.89 13.69 -14.05
N GLN A 89 20.66 13.77 -12.75
CA GLN A 89 21.73 13.45 -11.82
C GLN A 89 22.13 11.98 -12.02
N SER A 90 23.43 11.71 -12.10
CA SER A 90 23.87 10.33 -12.27
C SER A 90 23.30 9.45 -11.16
N SER A 91 23.20 10.01 -9.95
CA SER A 91 22.54 9.32 -8.86
C SER A 91 21.08 9.03 -9.14
N ALA A 92 20.44 9.80 -10.03
CA ALA A 92 19.06 9.48 -10.36
C ALA A 92 18.97 8.25 -11.23
N VAL A 93 19.90 8.12 -12.18
CA VAL A 93 19.92 6.92 -13.01
C VAL A 93 20.28 5.72 -12.17
N MET A 94 21.18 5.91 -11.19
CA MET A 94 21.49 4.80 -10.29
C MET A 94 20.27 4.40 -9.47
N ALA A 95 19.53 5.38 -8.97
CA ALA A 95 18.29 5.07 -8.25
C ALA A 95 17.34 4.26 -9.12
N LEU A 96 17.09 4.73 -10.34
CA LEU A 96 16.22 3.98 -11.25
C LEU A 96 16.73 2.56 -11.46
N GLN A 97 18.03 2.38 -11.69
CA GLN A 97 18.51 1.05 -12.00
C GLN A 97 18.44 0.12 -10.79
N GLU A 98 18.76 0.64 -9.61
CA GLU A 98 18.58 -0.13 -8.39
C GLU A 98 17.12 -0.58 -8.27
N ALA A 99 16.18 0.36 -8.42
CA ALA A 99 14.77 0.02 -8.30
C ALA A 99 14.33 -0.98 -9.38
N CYS A 100 14.86 -0.85 -10.60
CA CYS A 100 14.46 -1.74 -11.68
C CYS A 100 14.88 -3.15 -11.40
N GLU A 101 16.16 -3.35 -11.13
CA GLU A 101 16.67 -4.68 -10.85
C GLU A 101 16.02 -5.28 -9.62
N ALA A 102 15.81 -4.49 -8.58
CA ALA A 102 15.17 -5.04 -7.38
C ALA A 102 13.77 -5.53 -7.71
N TYR A 103 13.04 -4.75 -8.52
CA TYR A 103 11.70 -5.16 -8.92
C TYR A 103 11.74 -6.43 -9.74
N LEU A 104 12.72 -6.55 -10.65
CA LEU A 104 12.72 -7.67 -11.57
C LEU A 104 13.07 -8.95 -10.85
N VAL A 105 14.06 -8.90 -9.96
CA VAL A 105 14.43 -10.06 -9.16
C VAL A 105 13.26 -10.51 -8.31
N GLY A 106 12.56 -9.57 -7.68
CA GLY A 106 11.36 -9.96 -6.98
C GLY A 106 10.39 -10.67 -7.89
N LEU A 107 10.14 -10.09 -9.07
CA LEU A 107 9.15 -10.65 -9.97
C LEU A 107 9.56 -12.03 -10.49
N PHE A 108 10.86 -12.26 -10.67
CA PHE A 108 11.31 -13.60 -11.04
C PHE A 108 11.17 -14.59 -9.90
N GLU A 109 11.36 -14.15 -8.64
CA GLU A 109 11.02 -14.99 -7.50
C GLU A 109 9.59 -15.50 -7.61
N ASP A 110 8.61 -14.59 -7.70
CA ASP A 110 7.21 -15.01 -7.72
C ASP A 110 6.89 -15.81 -9.00
N THR A 111 7.46 -15.40 -10.13
CA THR A 111 7.30 -16.15 -11.38
C THR A 111 7.75 -17.60 -11.19
N ASN A 112 8.91 -17.78 -10.57
CA ASN A 112 9.45 -19.10 -10.37
C ASN A 112 8.57 -19.92 -9.45
N LEU A 113 8.03 -19.32 -8.38
CA LEU A 113 7.05 -20.07 -7.60
C LEU A 113 5.86 -20.49 -8.43
N CYS A 114 5.48 -19.72 -9.45
CA CYS A 114 4.33 -20.12 -10.25
C CYS A 114 4.67 -21.29 -11.17
N ALA A 115 5.84 -21.21 -11.81
CA ALA A 115 6.34 -22.36 -12.57
C ALA A 115 6.34 -23.62 -11.72
N ILE A 116 6.96 -23.56 -10.53
CA ILE A 116 7.00 -24.73 -9.67
C ILE A 116 5.58 -25.16 -9.31
N HIS A 117 4.68 -24.20 -9.11
CA HIS A 117 3.32 -24.59 -8.75
C HIS A 117 2.68 -25.42 -9.84
N ALA A 118 3.05 -25.16 -11.09
CA ALA A 118 2.54 -25.90 -12.23
C ALA A 118 3.34 -27.18 -12.51
N LYS A 119 4.19 -27.62 -11.58
CA LYS A 119 4.98 -28.84 -11.75
C LYS A 119 5.98 -28.73 -12.89
N ARG A 120 6.47 -27.52 -13.14
CA ARG A 120 7.47 -27.26 -14.16
C ARG A 120 8.73 -26.73 -13.48
N VAL A 121 9.85 -26.75 -14.19
CA VAL A 121 11.10 -26.13 -13.74
C VAL A 121 11.47 -24.90 -14.59
N THR A 122 10.65 -24.58 -15.60
CA THR A 122 10.92 -23.52 -16.56
C THR A 122 9.92 -22.38 -16.39
N ILE A 123 10.41 -21.17 -16.17
CA ILE A 123 9.50 -20.02 -16.10
C ILE A 123 9.02 -19.66 -17.51
N MET A 124 7.71 -19.49 -17.66
CA MET A 124 7.09 -19.17 -18.94
C MET A 124 6.36 -17.84 -18.83
N PRO A 125 6.08 -17.16 -19.94
CA PRO A 125 5.38 -15.86 -19.79
C PRO A 125 4.09 -16.02 -19.02
N LYS A 126 3.43 -17.17 -19.16
CA LYS A 126 2.20 -17.40 -18.42
C LYS A 126 2.42 -17.28 -16.92
N ASP A 127 3.61 -17.69 -16.46
CA ASP A 127 3.96 -17.57 -15.05
C ASP A 127 4.09 -16.10 -14.64
N ILE A 128 4.89 -15.32 -15.38
CA ILE A 128 4.99 -13.88 -15.12
C ILE A 128 3.60 -13.25 -15.08
N GLN A 129 2.75 -13.57 -16.04
CA GLN A 129 1.44 -12.94 -16.06
C GLN A 129 0.61 -13.29 -14.83
N LEU A 130 0.72 -14.53 -14.34
CA LEU A 130 0.00 -14.86 -13.10
C LEU A 130 0.58 -14.12 -11.90
N ALA A 131 1.90 -14.09 -11.77
CA ALA A 131 2.50 -13.31 -10.71
C ALA A 131 2.00 -11.88 -10.74
N ARG A 132 1.99 -11.25 -11.92
CA ARG A 132 1.61 -9.86 -11.96
C ARG A 132 0.12 -9.69 -11.70
N ARG A 133 -0.68 -10.66 -12.07
CA ARG A 133 -2.10 -10.45 -11.81
C ARG A 133 -2.41 -10.59 -10.33
N ILE A 134 -1.69 -11.48 -9.61
CA ILE A 134 -1.96 -11.72 -8.19
C ILE A 134 -1.49 -10.55 -7.32
N ARG A 135 -0.29 -10.03 -7.61
CA ARG A 135 0.24 -8.77 -7.08
C ARG A 135 -0.68 -7.57 -7.29
N GLY A 136 -1.66 -7.71 -8.17
CA GLY A 136 -2.53 -6.59 -8.49
C GLY A 136 -1.90 -5.53 -9.38
N GLU A 137 -0.80 -5.83 -10.06
CA GLU A 137 -0.22 -4.97 -11.08
C GLU A 137 -0.98 -5.06 -12.41
N ARG A 138 -2.05 -5.86 -12.48
CA ARG A 138 -2.65 -6.31 -13.73
C ARG A 138 -4.01 -6.99 -13.49
N ASP B 28 15.45 1.24 -30.75
CA ASP B 28 15.65 -0.15 -30.33
C ASP B 28 16.51 -0.23 -29.07
N ASN B 29 16.25 0.67 -28.09
CA ASN B 29 17.10 0.66 -26.90
C ASN B 29 16.73 -0.45 -25.94
N ILE B 30 15.44 -0.84 -25.93
CA ILE B 30 14.98 -1.96 -25.11
C ILE B 30 15.72 -3.23 -25.48
N GLN B 31 16.29 -3.28 -26.68
CA GLN B 31 17.09 -4.44 -27.02
C GLN B 31 18.48 -4.39 -26.39
N GLY B 32 18.88 -3.22 -25.86
CA GLY B 32 20.18 -3.12 -25.20
C GLY B 32 20.22 -3.86 -23.87
N ILE B 33 19.06 -4.02 -23.23
CA ILE B 33 18.91 -4.94 -22.13
C ILE B 33 18.92 -6.31 -22.79
N THR B 34 20.07 -6.97 -22.73
CA THR B 34 20.37 -8.12 -23.55
C THR B 34 19.71 -9.36 -22.98
N LYS B 35 19.83 -10.47 -23.70
CA LYS B 35 19.36 -11.74 -23.13
C LYS B 35 20.20 -12.15 -21.93
N PRO B 36 21.53 -12.11 -21.96
CA PRO B 36 22.29 -12.49 -20.77
C PRO B 36 21.99 -11.63 -19.54
N ALA B 37 21.64 -10.35 -19.71
CA ALA B 37 21.35 -9.54 -18.52
C ALA B 37 20.03 -9.95 -17.89
N ILE B 38 19.03 -10.22 -18.72
CA ILE B 38 17.76 -10.76 -18.22
C ILE B 38 17.98 -12.11 -17.58
N ARG B 39 18.90 -12.92 -18.11
CA ARG B 39 19.11 -14.21 -17.49
C ARG B 39 19.85 -14.08 -16.17
N ARG B 40 20.79 -13.13 -16.07
CA ARG B 40 21.45 -12.89 -14.79
C ARG B 40 20.45 -12.47 -13.72
N LEU B 41 19.58 -11.50 -14.05
CA LEU B 41 18.55 -11.15 -13.10
C LEU B 41 17.71 -12.36 -12.72
N ALA B 42 17.37 -13.20 -13.70
CA ALA B 42 16.58 -14.38 -13.36
C ALA B 42 17.35 -15.33 -12.44
N ARG B 43 18.68 -15.38 -12.54
CA ARG B 43 19.44 -16.28 -11.68
C ARG B 43 19.51 -15.75 -10.27
N ARG B 44 19.80 -14.45 -10.12
CA ARG B 44 19.68 -13.84 -8.80
C ARG B 44 18.31 -14.08 -8.21
N GLY B 45 17.31 -14.28 -9.03
CA GLY B 45 15.99 -14.62 -8.55
C GLY B 45 15.72 -16.09 -8.33
N GLY B 46 16.71 -16.96 -8.48
CA GLY B 46 16.51 -18.36 -8.13
C GLY B 46 15.92 -19.24 -9.22
N VAL B 47 16.17 -18.92 -10.49
CA VAL B 47 15.50 -19.53 -11.63
C VAL B 47 16.46 -20.46 -12.35
N LYS B 48 16.10 -21.74 -12.44
CA LYS B 48 16.99 -22.74 -13.01
C LYS B 48 16.90 -22.77 -14.51
N ARG B 49 15.72 -22.52 -15.07
CA ARG B 49 15.51 -22.70 -16.50
C ARG B 49 14.56 -21.68 -17.09
N ILE B 50 14.98 -21.04 -18.18
CA ILE B 50 14.28 -19.88 -18.74
C ILE B 50 13.77 -20.24 -20.13
N SER B 51 12.45 -20.23 -20.30
CA SER B 51 11.81 -20.32 -21.62
C SER B 51 12.22 -19.16 -22.52
N GLY B 52 12.15 -19.39 -23.83
CA GLY B 52 12.63 -18.42 -24.80
C GLY B 52 11.73 -17.23 -25.02
N LEU B 53 10.44 -17.35 -24.72
CA LEU B 53 9.56 -16.20 -24.85
C LEU B 53 9.62 -15.25 -23.65
N ILE B 54 10.33 -15.62 -22.59
CA ILE B 54 10.45 -14.81 -21.39
C ILE B 54 11.12 -13.49 -21.71
N TYR B 55 12.16 -13.53 -22.57
CA TYR B 55 13.06 -12.39 -22.71
C TYR B 55 12.32 -11.15 -23.21
N GLU B 56 11.49 -11.32 -24.24
CA GLU B 56 10.67 -10.21 -24.71
C GLU B 56 9.64 -9.81 -23.66
N GLU B 57 9.03 -10.80 -22.99
CA GLU B 57 8.02 -10.49 -21.99
C GLU B 57 8.62 -9.67 -20.85
N THR B 58 9.80 -10.08 -20.38
CA THR B 58 10.51 -9.27 -19.41
C THR B 58 10.75 -7.88 -19.96
N ARG B 59 11.18 -7.80 -21.22
CA ARG B 59 11.44 -6.49 -21.81
C ARG B 59 10.20 -5.60 -21.77
N GLY B 60 9.01 -6.19 -21.89
CA GLY B 60 7.82 -5.36 -21.77
C GLY B 60 7.66 -4.85 -20.37
N VAL B 61 7.78 -5.75 -19.39
CA VAL B 61 7.47 -5.43 -18.00
C VAL B 61 8.46 -4.40 -17.47
N LEU B 62 9.75 -4.60 -17.76
CA LEU B 62 10.74 -3.60 -17.39
C LEU B 62 10.35 -2.24 -17.94
N LYS B 63 9.97 -2.20 -19.23
CA LYS B 63 9.65 -0.91 -19.82
C LYS B 63 8.46 -0.29 -19.11
N VAL B 64 7.44 -1.10 -18.79
CA VAL B 64 6.29 -0.52 -18.09
C VAL B 64 6.73 0.02 -16.75
N PHE B 65 7.61 -0.73 -16.08
CA PHE B 65 8.10 -0.25 -14.80
C PHE B 65 8.74 1.11 -15.00
N LEU B 66 9.69 1.21 -15.94
CA LEU B 66 10.37 2.48 -16.16
C LEU B 66 9.39 3.58 -16.56
N GLU B 67 8.34 3.24 -17.32
CA GLU B 67 7.43 4.30 -17.66
C GLU B 67 6.81 4.88 -16.40
N ASN B 68 6.26 4.01 -15.53
CA ASN B 68 5.40 4.53 -14.47
C ASN B 68 6.19 5.34 -13.46
N VAL B 69 7.44 4.93 -13.23
CA VAL B 69 8.28 5.68 -12.31
C VAL B 69 8.71 6.98 -12.96
N ILE B 70 9.19 6.90 -14.21
CA ILE B 70 9.84 8.07 -14.81
C ILE B 70 8.80 9.15 -15.11
N ARG B 71 7.61 8.74 -15.52
CA ARG B 71 6.52 9.68 -15.60
C ARG B 71 6.39 10.45 -14.28
N ASP B 72 6.24 9.71 -13.17
CA ASP B 72 6.09 10.38 -11.87
C ASP B 72 7.32 11.20 -11.53
N ALA B 73 8.51 10.67 -11.80
CA ALA B 73 9.69 11.46 -11.45
C ALA B 73 9.64 12.77 -12.20
N VAL B 74 9.35 12.70 -13.50
CA VAL B 74 9.36 13.90 -14.34
C VAL B 74 8.30 14.90 -13.87
N THR B 75 7.14 14.41 -13.42
CA THR B 75 6.16 15.34 -12.88
C THR B 75 6.74 16.12 -11.72
N TYR B 76 7.47 15.44 -10.82
CA TYR B 76 8.09 16.17 -9.72
C TYR B 76 9.06 17.21 -10.27
N THR B 77 9.87 16.85 -11.28
CA THR B 77 10.79 17.83 -11.81
C THR B 77 10.04 19.01 -12.39
N GLU B 78 8.97 18.75 -13.15
CA GLU B 78 8.22 19.85 -13.73
C GLU B 78 7.64 20.74 -12.67
N HIS B 79 7.30 20.20 -11.52
CA HIS B 79 6.67 21.05 -10.53
C HIS B 79 7.70 21.91 -9.85
N ALA B 80 8.94 21.44 -9.75
CA ALA B 80 10.01 22.27 -9.22
C ALA B 80 10.53 23.24 -10.25
N LYS B 81 9.87 23.33 -11.40
CA LYS B 81 10.34 24.10 -12.55
C LYS B 81 11.86 23.90 -12.75
N ARG B 82 12.25 22.63 -12.85
CA ARG B 82 13.61 22.22 -13.12
C ARG B 82 13.69 21.51 -14.45
N LYS B 83 14.89 21.48 -15.01
CA LYS B 83 15.16 20.70 -16.21
C LYS B 83 15.99 19.47 -15.91
N THR B 84 16.39 19.27 -14.67
CA THR B 84 17.16 18.11 -14.29
C THR B 84 16.33 17.21 -13.37
N VAL B 85 16.06 15.98 -13.82
CA VAL B 85 15.49 14.97 -12.95
C VAL B 85 16.56 14.59 -11.94
N THR B 86 16.23 14.73 -10.66
CA THR B 86 17.15 14.51 -9.56
C THR B 86 16.83 13.20 -8.88
N ALA B 87 17.84 12.63 -8.22
CA ALA B 87 17.65 11.41 -7.45
C ALA B 87 16.49 11.52 -6.47
N MET B 88 16.26 12.69 -5.89
CA MET B 88 15.11 12.81 -5.01
C MET B 88 13.79 12.71 -5.77
N ASP B 89 13.73 13.23 -6.99
CA ASP B 89 12.52 13.04 -7.80
C ASP B 89 12.27 11.55 -8.01
N VAL B 90 13.33 10.80 -8.34
CA VAL B 90 13.23 9.36 -8.51
C VAL B 90 12.73 8.71 -7.22
N VAL B 91 13.28 9.14 -6.08
CA VAL B 91 12.90 8.51 -4.81
C VAL B 91 11.44 8.80 -4.49
N TYR B 92 10.98 10.04 -4.70
CA TYR B 92 9.58 10.37 -4.43
C TYR B 92 8.65 9.57 -5.35
N ALA B 93 9.04 9.42 -6.61
CA ALA B 93 8.26 8.62 -7.54
C ALA B 93 8.13 7.19 -7.03
N LEU B 94 9.27 6.58 -6.66
CA LEU B 94 9.29 5.20 -6.18
C LEU B 94 8.43 5.05 -4.94
N LYS B 95 8.57 5.99 -4.00
CA LYS B 95 7.72 5.96 -2.81
C LYS B 95 6.25 5.94 -3.19
N ARG B 96 5.85 6.84 -4.11
CA ARG B 96 4.47 6.90 -4.61
C ARG B 96 4.04 5.58 -5.25
N GLN B 97 4.93 4.95 -6.03
CA GLN B 97 4.63 3.69 -6.69
C GLN B 97 4.60 2.49 -5.74
N GLY B 98 4.87 2.68 -4.45
CA GLY B 98 4.94 1.54 -3.57
C GLY B 98 6.26 0.81 -3.61
N ARG B 99 7.32 1.44 -4.10
CA ARG B 99 8.60 0.79 -4.16
C ARG B 99 9.63 1.65 -3.46
N THR B 100 9.50 1.80 -2.14
CA THR B 100 10.36 2.71 -1.40
C THR B 100 11.81 2.28 -1.52
N LEU B 101 12.68 3.24 -1.82
CA LEU B 101 14.10 2.97 -2.01
C LEU B 101 14.93 3.67 -0.93
N TYR B 102 15.80 2.92 -0.26
CA TYR B 102 16.76 3.50 0.67
C TYR B 102 18.12 3.65 0.00
N GLY B 103 18.81 4.76 0.31
CA GLY B 103 20.17 4.95 -0.12
C GLY B 103 20.42 6.12 -1.02
N PHE B 104 19.41 6.86 -1.50
CA PHE B 104 19.63 8.04 -2.33
C PHE B 104 18.98 9.31 -1.79
N GLY B 105 18.87 9.44 -0.47
CA GLY B 105 18.46 10.68 0.13
C GLY B 105 17.06 10.68 0.69
N GLY B 106 16.41 9.51 0.75
CA GLY B 106 15.15 9.37 1.46
C GLY B 106 14.77 7.92 1.68
N LYS C 17 -25.75 42.67 -1.15
CA LYS C 17 -24.96 41.69 -1.87
C LYS C 17 -24.36 40.63 -0.93
N ALA C 18 -24.27 39.41 -1.46
CA ALA C 18 -23.54 38.29 -0.89
C ALA C 18 -23.70 37.11 -1.83
N LYS C 19 -22.61 36.65 -2.45
CA LYS C 19 -22.62 35.54 -3.40
C LYS C 19 -21.44 34.62 -3.12
N THR C 20 -21.70 33.31 -3.12
CA THR C 20 -20.70 32.37 -2.68
C THR C 20 -19.68 32.04 -3.76
N ARG C 21 -18.47 31.70 -3.32
CA ARG C 21 -17.36 31.39 -4.22
C ARG C 21 -17.68 30.20 -5.12
N SER C 22 -18.55 29.30 -4.68
CA SER C 22 -18.94 28.21 -5.55
C SER C 22 -19.59 28.76 -6.80
N SER C 23 -20.43 29.79 -6.63
CA SER C 23 -21.03 30.46 -7.78
C SER C 23 -19.96 31.15 -8.63
N ARG C 24 -19.06 31.90 -7.99
CA ARG C 24 -18.03 32.58 -8.76
C ARG C 24 -17.08 31.61 -9.47
N ALA C 25 -17.10 30.33 -9.13
CA ALA C 25 -16.35 29.35 -9.89
C ALA C 25 -17.23 28.49 -10.77
N GLY C 26 -18.55 28.59 -10.63
CA GLY C 26 -19.45 27.85 -11.50
C GLY C 26 -19.63 26.43 -11.05
N LEU C 27 -19.60 26.18 -9.75
CA LEU C 27 -19.48 24.85 -9.18
C LEU C 27 -20.71 24.47 -8.36
N GLN C 28 -21.02 23.17 -8.40
CA GLN C 28 -21.95 22.61 -7.44
C GLN C 28 -21.29 22.29 -6.12
N PHE C 29 -20.00 22.08 -6.12
CA PHE C 29 -19.34 21.68 -4.88
C PHE C 29 -18.89 22.92 -4.10
N PRO C 30 -18.83 22.80 -2.74
CA PRO C 30 -18.71 23.99 -1.87
C PRO C 30 -17.28 24.46 -1.66
N VAL C 31 -16.85 25.45 -2.44
CA VAL C 31 -15.47 25.93 -2.38
C VAL C 31 -15.09 26.42 -0.99
N GLY C 32 -16.03 27.03 -0.27
CA GLY C 32 -15.67 27.54 1.05
C GLY C 32 -15.25 26.43 1.97
N ARG C 33 -16.06 25.38 2.06
CA ARG C 33 -15.81 24.24 2.94
C ARG C 33 -14.54 23.49 2.54
N VAL C 34 -14.31 23.26 1.26
CA VAL C 34 -13.03 22.65 0.85
C VAL C 34 -11.87 23.53 1.29
N HIS C 35 -12.08 24.84 1.36
CA HIS C 35 -11.03 25.73 1.84
C HIS C 35 -10.85 25.59 3.36
N ARG C 36 -11.94 25.41 4.09
CA ARG C 36 -11.82 25.28 5.54
C ARG C 36 -11.19 23.95 5.93
N LEU C 37 -11.61 22.86 5.29
CA LEU C 37 -10.94 21.58 5.49
C LEU C 37 -9.47 21.67 5.09
N LEU C 38 -9.15 22.36 4.00
CA LEU C 38 -7.73 22.47 3.70
C LEU C 38 -6.96 23.17 4.83
N ARG C 39 -7.45 24.33 5.28
CA ARG C 39 -6.71 25.02 6.34
C ARG C 39 -6.65 24.18 7.62
N LYS C 40 -7.74 23.50 7.95
CA LYS C 40 -7.91 22.82 9.23
C LYS C 40 -7.41 21.40 9.22
N GLY C 41 -6.77 20.95 8.15
CA GLY C 41 -6.30 19.59 8.08
C GLY C 41 -4.80 19.40 8.09
N ASN C 42 -4.03 20.46 8.36
CA ASN C 42 -2.58 20.30 8.53
C ASN C 42 -1.88 19.83 7.26
N TYR C 43 -2.22 20.41 6.11
CA TYR C 43 -1.43 20.09 4.93
C TYR C 43 -0.33 21.13 4.74
N SER C 44 -0.55 22.34 5.22
CA SER C 44 0.41 23.43 5.15
C SER C 44 -0.18 24.57 5.95
N GLU C 45 0.66 25.54 6.30
CA GLU C 45 0.11 26.60 7.16
C GLU C 45 -0.83 27.52 6.39
N ARG C 46 -0.74 27.55 5.08
CA ARG C 46 -1.51 28.52 4.31
C ARG C 46 -1.99 27.93 2.99
N VAL C 47 -3.22 28.30 2.66
CA VAL C 47 -3.97 27.78 1.53
C VAL C 47 -4.25 28.96 0.61
N GLY C 48 -3.62 28.97 -0.57
CA GLY C 48 -3.97 29.95 -1.56
C GLY C 48 -5.45 29.92 -1.87
N ALA C 49 -5.96 31.04 -2.40
CA ALA C 49 -7.38 31.10 -2.71
C ALA C 49 -7.71 30.33 -3.97
N GLY C 50 -6.71 29.92 -4.75
CA GLY C 50 -6.98 29.09 -5.92
C GLY C 50 -7.10 27.60 -5.66
N ALA C 51 -6.42 27.11 -4.61
CA ALA C 51 -6.36 25.67 -4.35
C ALA C 51 -7.72 25.06 -4.01
N PRO C 52 -8.53 25.64 -3.12
CA PRO C 52 -9.85 25.04 -2.89
C PRO C 52 -10.77 25.08 -4.08
N VAL C 53 -10.65 26.09 -4.96
CA VAL C 53 -11.46 26.16 -6.18
C VAL C 53 -11.15 24.96 -7.05
N TYR C 54 -9.87 24.70 -7.28
CA TYR C 54 -9.49 23.67 -8.22
C TYR C 54 -9.77 22.29 -7.63
N LEU C 55 -9.58 22.14 -6.32
CA LEU C 55 -9.90 20.88 -5.67
C LEU C 55 -11.38 20.60 -5.76
N ALA C 56 -12.22 21.57 -5.38
CA ALA C 56 -13.65 21.31 -5.42
C ALA C 56 -14.11 21.00 -6.84
N ALA C 57 -13.42 21.58 -7.83
CA ALA C 57 -13.66 21.20 -9.23
C ALA C 57 -13.35 19.73 -9.48
N VAL C 58 -12.12 19.27 -9.16
CA VAL C 58 -11.78 17.85 -9.38
C VAL C 58 -12.74 16.90 -8.64
N LEU C 59 -13.14 17.27 -7.44
CA LEU C 59 -14.03 16.38 -6.70
C LEU C 59 -15.39 16.29 -7.36
N GLU C 60 -15.97 17.45 -7.72
CA GLU C 60 -17.24 17.47 -8.46
C GLU C 60 -17.12 16.72 -9.80
N TYR C 61 -16.03 16.91 -10.52
CA TYR C 61 -15.85 16.19 -11.76
C TYR C 61 -15.95 14.68 -11.52
N LEU C 62 -15.13 14.13 -10.57
CA LEU C 62 -15.08 12.67 -10.34
C LEU C 62 -16.41 12.14 -9.81
N THR C 63 -17.07 12.91 -8.92
CA THR C 63 -18.44 12.57 -8.54
C THR C 63 -19.36 12.47 -9.74
N ALA C 64 -19.21 13.39 -10.72
CA ALA C 64 -20.06 13.38 -11.90
C ALA C 64 -19.81 12.14 -12.75
N GLU C 65 -18.55 11.86 -13.05
CA GLU C 65 -18.21 10.62 -13.74
C GLU C 65 -18.75 9.36 -13.04
N ILE C 66 -18.58 9.25 -11.72
CA ILE C 66 -19.05 8.01 -11.08
C ILE C 66 -20.55 7.93 -11.22
N LEU C 67 -21.24 9.02 -10.90
CA LEU C 67 -22.69 9.00 -10.90
C LEU C 67 -23.20 8.74 -12.31
N GLU C 68 -22.46 9.23 -13.31
CA GLU C 68 -22.84 8.98 -14.70
C GLU C 68 -22.90 7.49 -14.94
N LEU C 69 -21.78 6.78 -14.72
CA LEU C 69 -21.73 5.34 -14.96
C LEU C 69 -22.66 4.52 -14.02
N ALA C 70 -22.82 4.96 -12.78
CA ALA C 70 -23.72 4.26 -11.86
C ALA C 70 -25.17 4.35 -12.33
N GLY C 71 -25.62 5.58 -12.65
CA GLY C 71 -26.95 5.77 -13.24
C GLY C 71 -27.18 4.89 -14.45
N ASN C 72 -26.18 4.81 -15.33
CA ASN C 72 -26.32 3.88 -16.45
C ASN C 72 -26.61 2.46 -15.97
N ALA C 73 -25.78 1.93 -15.07
CA ALA C 73 -26.03 0.56 -14.62
C ALA C 73 -27.36 0.44 -13.87
N ALA C 74 -27.80 1.48 -13.17
CA ALA C 74 -29.09 1.41 -12.51
C ALA C 74 -30.21 1.35 -13.52
N ARG C 75 -29.98 1.91 -14.71
CA ARG C 75 -31.06 1.91 -15.69
C ARG C 75 -31.05 0.64 -16.53
N ASP C 76 -29.96 -0.14 -16.55
CA ASP C 76 -30.05 -1.49 -17.09
C ASP C 76 -30.53 -2.52 -16.06
N ASN C 77 -30.50 -2.21 -14.78
CA ASN C 77 -31.18 -3.04 -13.81
C ASN C 77 -32.62 -2.64 -13.63
N LYS C 78 -33.13 -1.74 -14.47
CA LYS C 78 -34.55 -1.38 -14.49
C LYS C 78 -35.01 -0.71 -13.20
N LYS C 79 -34.12 -0.01 -12.50
CA LYS C 79 -34.49 0.58 -11.22
C LYS C 79 -34.24 2.08 -11.27
N THR C 80 -34.98 2.78 -10.41
CA THR C 80 -34.96 4.24 -10.25
C THR C 80 -33.74 4.73 -9.48
N ARG C 81 -33.23 3.93 -8.55
CA ARG C 81 -32.37 4.42 -7.49
C ARG C 81 -31.00 3.75 -7.54
N ILE C 82 -29.94 4.57 -7.54
CA ILE C 82 -28.58 4.05 -7.46
C ILE C 82 -28.39 3.38 -6.10
N ILE C 83 -27.92 2.14 -6.12
CA ILE C 83 -27.61 1.36 -4.93
C ILE C 83 -26.13 0.99 -5.04
N PRO C 84 -25.50 0.56 -3.94
CA PRO C 84 -24.06 0.26 -4.01
C PRO C 84 -23.69 -0.76 -5.08
N ARG C 85 -24.54 -1.75 -5.32
CA ARG C 85 -24.26 -2.66 -6.44
C ARG C 85 -23.98 -1.88 -7.71
N HIS C 86 -24.74 -0.77 -7.94
CA HIS C 86 -24.59 0.01 -9.17
C HIS C 86 -23.29 0.79 -9.18
N LEU C 87 -22.92 1.42 -8.05
CA LEU C 87 -21.60 2.04 -7.99
C LEU C 87 -20.51 1.02 -8.28
N GLN C 88 -20.68 -0.22 -7.78
CA GLN C 88 -19.65 -1.23 -7.93
C GLN C 88 -19.51 -1.68 -9.37
N LEU C 89 -20.64 -1.90 -10.04
CA LEU C 89 -20.63 -2.17 -11.48
C LEU C 89 -19.96 -1.02 -12.26
N ALA C 90 -20.34 0.22 -11.95
CA ALA C 90 -19.69 1.35 -12.62
C ALA C 90 -18.18 1.32 -12.41
N ILE C 91 -17.70 1.23 -11.15
CA ILE C 91 -16.26 1.28 -10.88
C ILE C 91 -15.54 0.16 -11.62
N ARG C 92 -16.04 -1.06 -11.49
CA ARG C 92 -15.22 -2.20 -11.93
C ARG C 92 -15.28 -2.37 -13.44
N ASN C 93 -16.36 -1.93 -14.10
CA ASN C 93 -16.35 -2.01 -15.56
C ASN C 93 -15.61 -0.84 -16.21
N ASP C 94 -15.48 0.31 -15.54
CA ASP C 94 -14.65 1.36 -16.10
C ASP C 94 -13.21 1.09 -15.74
N GLU C 95 -12.31 1.12 -16.72
CA GLU C 95 -10.92 0.77 -16.46
C GLU C 95 -10.26 1.75 -15.50
N GLU C 96 -10.41 3.04 -15.76
CA GLU C 96 -9.61 3.98 -14.97
C GLU C 96 -10.18 4.24 -13.56
N LEU C 97 -11.50 4.26 -13.39
CA LEU C 97 -12.02 4.31 -12.03
C LEU C 97 -11.63 3.05 -11.28
N ASN C 98 -11.67 1.90 -11.98
CA ASN C 98 -11.24 0.69 -11.33
C ASN C 98 -9.86 0.86 -10.76
N LYS C 99 -8.93 1.42 -11.54
CA LYS C 99 -7.60 1.56 -11.00
C LYS C 99 -7.57 2.59 -9.89
N LEU C 100 -8.30 3.67 -10.04
CA LEU C 100 -8.34 4.68 -8.97
C LEU C 100 -8.79 4.07 -7.65
N LEU C 101 -9.68 3.09 -7.70
CA LEU C 101 -10.23 2.39 -6.56
C LEU C 101 -9.74 0.94 -6.51
N GLY C 102 -8.52 0.71 -7.00
CA GLY C 102 -7.97 -0.63 -6.98
C GLY C 102 -8.02 -1.30 -5.62
N ARG C 103 -7.66 -0.55 -4.57
CA ARG C 103 -7.53 -1.01 -3.20
C ARG C 103 -8.71 -0.61 -2.32
N VAL C 104 -9.91 -0.48 -2.89
CA VAL C 104 -11.07 0.00 -2.16
C VAL C 104 -12.18 -1.02 -2.23
N THR C 105 -13.05 -1.00 -1.25
CA THR C 105 -14.12 -1.98 -1.13
C THR C 105 -15.44 -1.23 -1.00
N ILE C 106 -16.38 -1.52 -1.89
CA ILE C 106 -17.68 -0.87 -1.84
C ILE C 106 -18.57 -1.78 -1.00
N ALA C 107 -18.97 -1.30 0.16
CA ALA C 107 -19.83 -2.11 0.98
C ALA C 107 -21.11 -2.38 0.20
N GLN C 108 -21.43 -3.65 0.05
CA GLN C 108 -22.61 -4.16 -0.66
C GLN C 108 -22.47 -4.06 -2.19
N GLY C 109 -21.25 -3.94 -2.69
CA GLY C 109 -21.01 -3.96 -4.10
C GLY C 109 -21.14 -5.31 -4.78
N GLY C 110 -20.81 -6.38 -4.12
CA GLY C 110 -20.75 -7.65 -4.84
C GLY C 110 -19.52 -7.68 -5.75
N VAL C 111 -19.52 -8.65 -6.67
CA VAL C 111 -18.43 -8.74 -7.64
C VAL C 111 -18.99 -8.68 -9.06
N LEU C 112 -18.07 -8.65 -10.05
CA LEU C 112 -18.56 -8.72 -11.42
C LEU C 112 -18.79 -10.17 -11.78
N PRO C 113 -19.96 -10.52 -12.32
CA PRO C 113 -20.16 -11.89 -12.76
C PRO C 113 -19.10 -12.20 -13.79
N ASN C 114 -18.26 -13.14 -13.46
CA ASN C 114 -17.21 -13.64 -14.34
C ASN C 114 -16.91 -15.07 -13.91
N ILE C 115 -17.04 -16.00 -14.86
CA ILE C 115 -16.76 -17.42 -14.65
C ILE C 115 -15.59 -17.77 -15.55
N GLN C 116 -14.56 -18.39 -14.98
CA GLN C 116 -13.41 -18.77 -15.79
C GLN C 116 -13.86 -19.72 -16.88
N ALA C 117 -13.36 -19.49 -18.09
CA ALA C 117 -13.83 -20.24 -19.25
C ALA C 117 -13.79 -21.73 -19.00
N VAL C 118 -12.67 -22.24 -18.46
CA VAL C 118 -12.46 -23.67 -18.31
C VAL C 118 -13.40 -24.33 -17.30
N LEU C 119 -14.15 -23.56 -16.53
CA LEU C 119 -15.12 -24.18 -15.64
C LEU C 119 -16.46 -24.39 -16.28
N LEU C 120 -16.69 -23.80 -17.47
CA LEU C 120 -17.94 -24.03 -18.16
C LEU C 120 -18.01 -25.47 -18.70
N PRO C 121 -19.20 -26.03 -18.83
CA PRO C 121 -19.29 -27.43 -19.26
C PRO C 121 -18.91 -27.57 -20.73
N LYS C 122 -18.69 -28.82 -21.15
CA LYS C 122 -18.34 -29.05 -22.55
C LYS C 122 -19.32 -29.93 -23.33
N SER D 36 -24.86 17.82 18.94
CA SER D 36 -23.83 18.41 18.07
C SER D 36 -23.72 17.71 16.69
N ARG D 37 -23.50 18.52 15.65
CA ARG D 37 -23.95 18.26 14.30
C ARG D 37 -22.84 17.82 13.35
N LYS D 38 -23.21 17.08 12.30
CA LYS D 38 -22.24 16.54 11.37
C LYS D 38 -22.42 17.05 9.94
N GLU D 39 -21.37 16.85 9.15
CA GLU D 39 -21.26 17.29 7.78
C GLU D 39 -21.11 16.11 6.85
N SER D 40 -21.65 16.27 5.64
CA SER D 40 -21.39 15.35 4.54
C SER D 40 -21.50 16.14 3.24
N TYR D 41 -21.29 15.45 2.13
CA TYR D 41 -21.41 16.00 0.79
C TYR D 41 -22.74 15.68 0.14
N SER D 42 -23.76 15.25 0.90
CA SER D 42 -24.96 14.72 0.26
C SER D 42 -25.65 15.73 -0.63
N ILE D 43 -25.79 16.98 -0.17
CA ILE D 43 -26.50 17.94 -1.02
C ILE D 43 -25.76 18.11 -2.36
N TYR D 44 -24.44 18.09 -2.34
CA TYR D 44 -23.73 18.29 -3.58
C TYR D 44 -23.76 17.05 -4.45
N VAL D 45 -23.50 15.88 -3.87
CA VAL D 45 -23.58 14.68 -4.69
C VAL D 45 -24.94 14.60 -5.31
N TYR D 46 -25.98 14.90 -4.54
CA TYR D 46 -27.33 14.86 -5.07
C TYR D 46 -27.55 15.93 -6.18
N LYS D 47 -26.99 17.13 -6.00
CA LYS D 47 -27.08 18.11 -7.09
C LYS D 47 -26.46 17.56 -8.38
N VAL D 48 -25.22 17.08 -8.29
CA VAL D 48 -24.54 16.59 -9.49
C VAL D 48 -25.31 15.42 -10.09
N LEU D 49 -25.87 14.56 -9.23
CA LEU D 49 -26.69 13.46 -9.74
C LEU D 49 -27.83 14.01 -10.59
N LYS D 50 -28.50 15.06 -10.11
CA LYS D 50 -29.58 15.65 -10.89
C LYS D 50 -29.08 16.18 -12.23
N GLN D 51 -27.92 16.84 -12.24
CA GLN D 51 -27.36 17.29 -13.52
C GLN D 51 -27.19 16.14 -14.50
N VAL D 52 -26.66 15.00 -14.06
CA VAL D 52 -26.21 14.01 -15.04
C VAL D 52 -27.37 13.11 -15.50
N HIS D 53 -28.16 12.65 -14.52
CA HIS D 53 -29.24 11.66 -14.68
C HIS D 53 -30.47 12.20 -13.96
N PRO D 54 -31.28 13.06 -14.61
CA PRO D 54 -32.24 13.90 -13.88
C PRO D 54 -33.43 13.15 -13.25
N ASP D 55 -33.74 11.93 -13.64
CA ASP D 55 -34.87 11.22 -13.02
C ASP D 55 -34.44 10.03 -12.15
N THR D 56 -33.17 9.96 -11.75
CA THR D 56 -32.67 8.83 -11.00
C THR D 56 -32.46 9.23 -9.56
N GLY D 57 -32.65 8.30 -8.63
CA GLY D 57 -32.43 8.55 -7.22
C GLY D 57 -31.24 7.80 -6.64
N ILE D 58 -30.93 8.11 -5.39
CA ILE D 58 -29.80 7.47 -4.75
C ILE D 58 -30.20 7.00 -3.35
N SER D 59 -29.86 5.76 -3.02
CA SER D 59 -30.15 5.22 -1.70
C SER D 59 -29.18 5.76 -0.63
N SER D 60 -29.63 5.69 0.62
CA SER D 60 -28.79 6.12 1.75
C SER D 60 -27.45 5.40 1.74
N LYS D 61 -27.44 4.10 1.45
CA LYS D 61 -26.14 3.46 1.46
C LYS D 61 -25.30 3.93 0.27
N ALA D 62 -25.90 4.06 -0.91
CA ALA D 62 -25.17 4.57 -2.07
C ALA D 62 -24.61 5.96 -1.80
N MET D 63 -25.36 6.79 -1.09
CA MET D 63 -24.87 8.12 -0.72
C MET D 63 -23.69 8.00 0.23
N GLY D 64 -23.78 7.09 1.23
CA GLY D 64 -22.66 6.88 2.11
C GLY D 64 -21.43 6.43 1.38
N ILE D 65 -21.57 5.47 0.46
CA ILE D 65 -20.48 5.21 -0.48
C ILE D 65 -19.97 6.50 -1.14
N MET D 66 -20.88 7.40 -1.60
CA MET D 66 -20.38 8.57 -2.33
C MET D 66 -19.59 9.48 -1.40
N ASN D 67 -20.16 9.78 -0.22
CA ASN D 67 -19.45 10.54 0.81
C ASN D 67 -18.08 9.95 1.09
N SER D 68 -18.01 8.63 1.21
CA SER D 68 -16.73 7.99 1.43
C SER D 68 -15.80 8.30 0.28
N PHE D 69 -16.31 8.24 -0.96
CA PHE D 69 -15.45 8.48 -2.12
C PHE D 69 -14.90 9.89 -2.11
N VAL D 70 -15.76 10.89 -1.89
CA VAL D 70 -15.26 12.27 -1.89
C VAL D 70 -14.21 12.46 -0.79
N ASN D 71 -14.53 12.01 0.44
CA ASN D 71 -13.57 12.22 1.52
C ASN D 71 -12.26 11.49 1.23
N ASP D 72 -12.34 10.29 0.67
CA ASP D 72 -11.12 9.59 0.28
C ASP D 72 -10.27 10.42 -0.67
N ILE D 73 -10.87 10.89 -1.78
CA ILE D 73 -10.11 11.57 -2.85
C ILE D 73 -9.62 12.93 -2.37
N PHE D 74 -10.47 13.65 -1.61
CA PHE D 74 -10.02 14.86 -0.94
C PHE D 74 -8.73 14.59 -0.23
N GLU D 75 -8.71 13.54 0.61
CA GLU D 75 -7.53 13.26 1.41
C GLU D 75 -6.36 12.86 0.52
N ARG D 76 -6.60 12.12 -0.56
CA ARG D 76 -5.47 11.78 -1.42
C ARG D 76 -4.87 13.02 -2.09
N ILE D 77 -5.72 13.91 -2.65
CA ILE D 77 -5.16 15.11 -3.30
C ILE D 77 -4.44 15.98 -2.29
N ALA D 78 -5.17 16.39 -1.24
CA ALA D 78 -4.58 17.25 -0.21
C ALA D 78 -3.26 16.68 0.32
N GLY D 79 -3.22 15.37 0.59
CA GLY D 79 -1.99 14.77 1.09
C GLY D 79 -0.85 14.91 0.11
N GLU D 80 -1.09 14.55 -1.16
CA GLU D 80 -0.03 14.61 -2.17
C GLU D 80 0.44 16.05 -2.43
N ALA D 81 -0.49 17.01 -2.38
CA ALA D 81 -0.12 18.41 -2.57
C ALA D 81 0.73 18.91 -1.42
N SER D 82 0.32 18.59 -0.20
CA SER D 82 1.10 18.90 1.00
C SER D 82 2.53 18.35 0.89
N ARG D 83 2.63 17.12 0.44
CA ARG D 83 3.95 16.55 0.18
C ARG D 83 4.73 17.38 -0.84
N LEU D 84 4.04 17.87 -1.90
CA LEU D 84 4.68 18.69 -2.93
C LEU D 84 5.22 20.02 -2.38
N ALA D 85 4.39 20.73 -1.62
CA ALA D 85 4.85 21.93 -0.94
C ALA D 85 6.08 21.66 -0.07
N HIS D 86 6.01 20.66 0.84
CA HIS D 86 7.17 20.37 1.67
C HIS D 86 8.40 20.08 0.82
N TYR D 87 8.25 19.18 -0.15
CA TYR D 87 9.38 18.84 -1.00
C TYR D 87 10.03 20.05 -1.62
N ASN D 88 9.24 21.09 -1.88
CA ASN D 88 9.76 22.28 -2.54
C ASN D 88 9.99 23.46 -1.60
N LYS D 89 10.03 23.23 -0.30
CA LYS D 89 10.39 24.28 0.65
C LYS D 89 9.38 25.43 0.58
N ARG D 90 8.11 25.09 0.45
CA ARG D 90 7.09 26.13 0.40
C ARG D 90 6.01 25.88 1.44
N SER D 91 5.49 26.97 1.96
CA SER D 91 4.55 26.96 3.07
C SER D 91 3.11 27.07 2.61
N THR D 92 2.88 27.06 1.32
CA THR D 92 1.54 27.31 0.81
C THR D 92 1.16 26.23 -0.16
N ILE D 93 -0.09 25.81 -0.09
CA ILE D 93 -0.68 24.93 -1.10
C ILE D 93 -1.53 25.83 -2.01
N THR D 94 -1.04 26.00 -3.24
CA THR D 94 -1.68 26.83 -4.26
C THR D 94 -2.44 25.91 -5.19
N SER D 95 -3.17 26.50 -6.13
CA SER D 95 -3.85 25.65 -7.09
C SER D 95 -2.84 24.87 -7.93
N ARG D 96 -1.60 25.35 -8.03
CA ARG D 96 -0.60 24.57 -8.76
C ARG D 96 -0.28 23.25 -8.03
N GLU D 97 -0.21 23.27 -6.68
CA GLU D 97 -0.06 22.03 -5.91
C GLU D 97 -1.20 21.05 -6.22
N ILE D 98 -2.44 21.50 -6.08
CA ILE D 98 -3.59 20.64 -6.35
C ILE D 98 -3.49 20.05 -7.73
N GLN D 99 -2.89 20.78 -8.64
CA GLN D 99 -2.89 20.28 -10.01
C GLN D 99 -1.85 19.20 -10.21
N THR D 100 -0.62 19.43 -9.76
CA THR D 100 0.37 18.34 -9.84
C THR D 100 -0.09 17.14 -9.03
N ALA D 101 -0.75 17.38 -7.89
CA ALA D 101 -1.36 16.28 -7.14
C ALA D 101 -2.28 15.49 -8.03
N VAL D 102 -3.22 16.17 -8.70
CA VAL D 102 -4.18 15.47 -9.58
C VAL D 102 -3.45 14.72 -10.69
N ARG D 103 -2.41 15.31 -11.24
CA ARG D 103 -1.66 14.58 -12.26
C ARG D 103 -1.06 13.30 -11.70
N LEU D 104 -0.49 13.35 -10.49
CA LEU D 104 0.14 12.16 -9.90
C LEU D 104 -0.88 11.08 -9.53
N LEU D 105 -2.00 11.45 -8.94
CA LEU D 105 -2.96 10.49 -8.41
C LEU D 105 -3.91 9.92 -9.47
N LEU D 106 -4.36 10.73 -10.45
CA LEU D 106 -5.40 10.12 -11.26
C LEU D 106 -4.84 9.48 -12.52
N PRO D 107 -5.40 8.36 -12.94
CA PRO D 107 -4.96 7.75 -14.21
C PRO D 107 -5.40 8.56 -15.42
N GLY D 108 -4.47 8.74 -16.35
CA GLY D 108 -4.76 9.08 -17.74
C GLY D 108 -5.82 10.11 -18.08
N GLU D 109 -6.87 9.59 -18.75
CA GLU D 109 -7.89 10.49 -19.26
C GLU D 109 -8.64 11.15 -18.14
N LEU D 110 -8.74 10.47 -17.00
CA LEU D 110 -9.31 11.08 -15.82
C LEU D 110 -8.50 12.31 -15.40
N ALA D 111 -7.16 12.20 -15.44
CA ALA D 111 -6.31 13.34 -15.10
C ALA D 111 -6.58 14.50 -16.04
N LYS D 112 -6.56 14.24 -17.36
CA LYS D 112 -6.69 15.34 -18.31
C LYS D 112 -8.03 16.03 -18.16
N HIS D 113 -9.12 15.28 -18.08
CA HIS D 113 -10.41 15.92 -17.87
C HIS D 113 -10.44 16.73 -16.59
N ALA D 114 -9.93 16.14 -15.49
CA ALA D 114 -10.05 16.79 -14.18
C ALA D 114 -9.21 18.07 -14.11
N VAL D 115 -7.98 18.01 -14.60
CA VAL D 115 -7.17 19.21 -14.72
C VAL D 115 -7.91 20.28 -15.53
N SER D 116 -8.56 19.87 -16.63
CA SER D 116 -9.32 20.83 -17.42
C SER D 116 -10.43 21.45 -16.58
N GLU D 117 -11.23 20.63 -15.94
CA GLU D 117 -12.37 21.14 -15.21
C GLU D 117 -11.94 22.07 -14.08
N GLY D 118 -10.79 21.77 -13.46
CA GLY D 118 -10.27 22.62 -12.41
C GLY D 118 -9.72 23.94 -12.91
N THR D 119 -8.89 23.89 -13.96
CA THR D 119 -8.34 25.11 -14.52
C THR D 119 -9.45 26.05 -14.98
N LYS D 120 -10.52 25.48 -15.51
CA LYS D 120 -11.60 26.35 -15.96
C LYS D 120 -12.35 26.96 -14.78
N ALA D 121 -12.53 26.21 -13.68
CA ALA D 121 -13.17 26.82 -12.51
C ALA D 121 -12.32 27.94 -11.91
N VAL D 122 -10.99 27.81 -12.02
CA VAL D 122 -10.11 28.78 -11.37
C VAL D 122 -10.07 30.07 -12.17
N THR D 123 -9.89 29.99 -13.50
CA THR D 123 -9.96 31.22 -14.28
C THR D 123 -11.32 31.87 -14.13
N LYS D 124 -12.40 31.08 -14.23
CA LYS D 124 -13.70 31.67 -13.94
C LYS D 124 -13.73 32.33 -12.57
N TYR D 125 -12.97 31.79 -11.61
CA TYR D 125 -13.08 32.33 -10.25
C TYR D 125 -12.35 33.66 -10.11
N THR D 126 -11.17 33.78 -10.71
CA THR D 126 -10.43 35.03 -10.55
C THR D 126 -10.95 36.13 -11.49
N SER D 127 -10.78 35.95 -12.80
CA SER D 127 -11.19 36.97 -13.75
C SER D 127 -12.72 37.09 -13.83
N PRO E 42 -36.30 -40.95 -10.57
CA PRO E 42 -35.53 -39.96 -9.79
C PRO E 42 -34.70 -39.03 -10.69
N HIS E 43 -34.52 -37.77 -10.28
CA HIS E 43 -33.74 -36.82 -11.04
C HIS E 43 -32.60 -36.29 -10.17
N ARG E 44 -31.40 -36.25 -10.75
CA ARG E 44 -30.17 -35.90 -10.07
C ARG E 44 -29.34 -35.07 -11.02
N TYR E 45 -28.98 -33.84 -10.62
CA TYR E 45 -28.07 -33.06 -11.44
C TYR E 45 -26.67 -33.66 -11.42
N ARG E 46 -25.91 -33.44 -12.50
CA ARG E 46 -24.56 -33.95 -12.58
C ARG E 46 -23.62 -33.07 -11.74
N PRO E 47 -22.59 -33.67 -11.13
CA PRO E 47 -21.67 -32.85 -10.33
C PRO E 47 -21.04 -31.75 -11.17
N GLY E 48 -21.18 -30.52 -10.68
CA GLY E 48 -20.71 -29.33 -11.36
C GLY E 48 -21.83 -28.44 -11.83
N THR E 49 -23.02 -28.99 -11.96
CA THR E 49 -24.14 -28.21 -12.47
C THR E 49 -24.67 -27.28 -11.41
N VAL E 50 -24.96 -27.81 -10.23
CA VAL E 50 -25.46 -26.94 -9.20
C VAL E 50 -24.36 -25.98 -8.73
N ALA E 51 -23.10 -26.40 -8.86
CA ALA E 51 -21.99 -25.50 -8.56
C ALA E 51 -22.02 -24.28 -9.48
N LEU E 52 -21.99 -24.51 -10.81
CA LEU E 52 -22.06 -23.40 -11.77
C LEU E 52 -23.28 -22.54 -11.53
N ARG E 53 -24.40 -23.17 -11.20
CA ARG E 53 -25.57 -22.33 -11.01
C ARG E 53 -25.46 -21.51 -9.75
N GLU E 54 -24.77 -22.04 -8.73
CA GLU E 54 -24.49 -21.28 -7.52
C GLU E 54 -23.52 -20.12 -7.76
N ILE E 55 -22.45 -20.34 -8.55
CA ILE E 55 -21.58 -19.23 -8.95
C ILE E 55 -22.41 -18.12 -9.57
N ARG E 56 -23.29 -18.49 -10.51
CA ARG E 56 -24.10 -17.45 -11.15
C ARG E 56 -24.97 -16.78 -10.09
N ARG E 57 -25.46 -17.55 -9.14
CA ARG E 57 -26.41 -16.99 -8.20
C ARG E 57 -25.73 -16.03 -7.23
N TYR E 58 -24.54 -16.38 -6.73
CA TYR E 58 -23.86 -15.56 -5.75
C TYR E 58 -23.05 -14.43 -6.37
N GLN E 59 -22.64 -14.58 -7.63
CA GLN E 59 -22.02 -13.42 -8.27
C GLN E 59 -23.05 -12.37 -8.67
N LYS E 60 -24.32 -12.69 -8.69
CA LYS E 60 -25.32 -11.70 -9.01
C LYS E 60 -25.81 -10.96 -7.78
N SER E 61 -25.42 -11.39 -6.60
CA SER E 61 -26.03 -10.87 -5.39
C SER E 61 -24.94 -10.25 -4.55
N THR E 62 -25.39 -9.42 -3.60
CA THR E 62 -24.50 -8.67 -2.72
C THR E 62 -24.70 -8.93 -1.22
N GLU E 63 -25.66 -9.77 -0.85
CA GLU E 63 -25.93 -10.00 0.54
C GLU E 63 -24.72 -10.68 1.16
N LEU E 64 -24.53 -10.43 2.46
CA LEU E 64 -23.49 -11.11 3.22
C LEU E 64 -23.73 -12.61 3.26
N LEU E 65 -22.65 -13.38 3.03
CA LEU E 65 -22.72 -14.82 2.86
C LEU E 65 -22.44 -15.64 4.13
N ILE E 66 -21.76 -15.06 5.12
CA ILE E 66 -21.60 -15.65 6.45
C ILE E 66 -22.81 -15.25 7.28
N ARG E 67 -23.36 -16.20 8.04
CA ARG E 67 -24.48 -15.90 8.92
C ARG E 67 -23.99 -14.93 10.01
N LYS E 68 -24.93 -14.16 10.60
CA LYS E 68 -24.51 -12.92 11.24
C LYS E 68 -24.03 -13.17 12.67
N LEU E 69 -24.79 -13.96 13.44
CA LEU E 69 -24.43 -14.26 14.82
C LEU E 69 -23.10 -15.00 14.92
N PRO E 70 -22.84 -16.06 14.16
CA PRO E 70 -21.52 -16.68 14.27
C PRO E 70 -20.40 -15.69 14.10
N PHE E 71 -20.54 -14.83 13.10
CA PHE E 71 -19.48 -13.89 12.80
C PHE E 71 -19.29 -12.89 13.94
N GLN E 72 -20.41 -12.48 14.57
CA GLN E 72 -20.33 -11.54 15.67
C GLN E 72 -19.61 -12.15 16.89
N ARG E 73 -20.00 -13.38 17.27
CA ARG E 73 -19.31 -14.05 18.36
C ARG E 73 -17.83 -14.17 18.06
N LEU E 74 -17.49 -14.59 16.84
CA LEU E 74 -16.08 -14.67 16.48
C LEU E 74 -15.38 -13.32 16.71
N VAL E 75 -16.08 -12.21 16.40
CA VAL E 75 -15.44 -10.91 16.56
C VAL E 75 -15.21 -10.63 18.03
N ARG E 76 -16.22 -10.90 18.87
CA ARG E 76 -16.09 -10.65 20.31
C ARG E 76 -15.01 -11.55 20.94
N GLU E 77 -14.96 -12.81 20.54
CA GLU E 77 -13.88 -13.65 21.05
C GLU E 77 -12.52 -13.05 20.73
N ILE E 78 -12.26 -12.74 19.45
CA ILE E 78 -10.93 -12.23 19.09
C ILE E 78 -10.62 -10.95 19.85
N ALA E 79 -11.57 -10.02 19.87
CA ALA E 79 -11.28 -8.72 20.49
C ALA E 79 -11.06 -8.88 21.97
N GLN E 80 -11.83 -9.78 22.60
CA GLN E 80 -11.65 -10.07 24.03
C GLN E 80 -10.26 -10.60 24.33
N ASP E 81 -9.79 -11.60 23.57
CA ASP E 81 -8.39 -11.99 23.68
C ASP E 81 -7.41 -10.82 23.51
N PHE E 82 -7.81 -9.65 22.93
CA PHE E 82 -6.93 -8.45 22.87
C PHE E 82 -7.13 -7.43 24.01
N LYS E 83 -8.36 -7.14 24.35
CA LYS E 83 -8.66 -6.32 25.51
C LYS E 83 -10.02 -6.79 26.00
N THR E 84 -10.24 -6.67 27.30
CA THR E 84 -11.43 -7.20 27.95
C THR E 84 -12.35 -6.04 28.31
N ASP E 85 -13.64 -6.32 28.29
CA ASP E 85 -14.70 -5.39 28.65
C ASP E 85 -14.99 -4.37 27.54
N LEU E 86 -15.07 -4.84 26.30
CA LEU E 86 -15.32 -3.97 25.15
C LEU E 86 -16.76 -4.19 24.70
N ARG E 87 -17.37 -3.15 24.16
CA ARG E 87 -18.57 -3.36 23.39
C ARG E 87 -18.34 -2.83 21.99
N PHE E 88 -19.34 -3.03 21.14
CA PHE E 88 -19.27 -2.77 19.70
C PHE E 88 -20.55 -2.08 19.26
N GLN E 89 -20.40 -0.97 18.52
CA GLN E 89 -21.49 -0.48 17.67
C GLN E 89 -21.81 -1.52 16.61
N SER E 90 -23.11 -1.80 16.42
CA SER E 90 -23.50 -2.83 15.46
C SER E 90 -22.89 -2.58 14.08
N SER E 91 -22.81 -1.32 13.67
CA SER E 91 -22.15 -0.97 12.42
C SER E 91 -20.66 -1.33 12.41
N ALA E 92 -20.02 -1.49 13.58
CA ALA E 92 -18.62 -1.92 13.59
C ALA E 92 -18.51 -3.39 13.24
N VAL E 93 -19.44 -4.21 13.72
CA VAL E 93 -19.41 -5.61 13.31
C VAL E 93 -19.78 -5.72 11.84
N MET E 94 -20.72 -4.89 11.38
CA MET E 94 -21.07 -4.90 9.97
C MET E 94 -19.89 -4.47 9.10
N ALA E 95 -19.16 -3.42 9.50
CA ALA E 95 -17.94 -3.10 8.76
C ALA E 95 -17.00 -4.32 8.74
N LEU E 96 -16.73 -4.90 9.92
CA LEU E 96 -15.82 -6.05 9.98
C LEU E 96 -16.24 -7.14 9.02
N GLN E 97 -17.53 -7.48 9.02
CA GLN E 97 -17.99 -8.59 8.19
C GLN E 97 -17.93 -8.25 6.69
N GLU E 98 -18.30 -6.99 6.30
CA GLU E 98 -18.11 -6.54 4.93
C GLU E 98 -16.65 -6.64 4.52
N ALA E 99 -15.75 -6.12 5.34
CA ALA E 99 -14.35 -6.17 4.96
C ALA E 99 -13.88 -7.61 4.78
N CYS E 100 -14.37 -8.52 5.64
CA CYS E 100 -13.93 -9.92 5.68
C CYS E 100 -14.42 -10.69 4.48
N GLU E 101 -15.72 -10.69 4.26
CA GLU E 101 -16.21 -11.36 3.08
C GLU E 101 -15.57 -10.77 1.83
N ALA E 102 -15.37 -9.44 1.77
CA ALA E 102 -14.74 -8.90 0.56
C ALA E 102 -13.32 -9.41 0.43
N TYR E 103 -12.59 -9.49 1.54
CA TYR E 103 -11.23 -10.04 1.48
C TYR E 103 -11.24 -11.51 1.06
N LEU E 104 -12.17 -12.30 1.59
CA LEU E 104 -12.08 -13.73 1.28
C LEU E 104 -12.49 -14.01 -0.14
N VAL E 105 -13.54 -13.34 -0.63
CA VAL E 105 -13.95 -13.52 -2.02
C VAL E 105 -12.82 -13.12 -2.94
N GLY E 106 -12.16 -12.01 -2.66
CA GLY E 106 -10.99 -11.67 -3.44
C GLY E 106 -9.99 -12.79 -3.46
N LEU E 107 -9.71 -13.35 -2.27
CA LEU E 107 -8.70 -14.37 -2.15
C LEU E 107 -9.10 -15.64 -2.90
N PHE E 108 -10.39 -15.98 -2.93
CA PHE E 108 -10.78 -17.16 -3.68
C PHE E 108 -10.64 -16.94 -5.19
N GLU E 109 -10.90 -15.72 -5.68
CA GLU E 109 -10.55 -15.42 -7.07
C GLU E 109 -9.09 -15.78 -7.34
N ASP E 110 -8.17 -15.27 -6.51
CA ASP E 110 -6.76 -15.55 -6.80
C ASP E 110 -6.44 -17.04 -6.61
N THR E 111 -7.01 -17.66 -5.58
CA THR E 111 -6.80 -19.09 -5.38
C THR E 111 -7.21 -19.85 -6.63
N ASN E 112 -8.36 -19.50 -7.17
CA ASN E 112 -8.89 -20.21 -8.34
C ASN E 112 -8.01 -20.00 -9.57
N LEU E 113 -7.49 -18.79 -9.77
CA LEU E 113 -6.49 -18.64 -10.81
C LEU E 113 -5.30 -19.54 -10.57
N CYS E 114 -4.97 -19.85 -9.31
CA CYS E 114 -3.83 -20.72 -9.06
C CYS E 114 -4.12 -22.20 -9.35
N ALA E 115 -5.28 -22.69 -8.94
CA ALA E 115 -5.67 -24.03 -9.37
C ALA E 115 -5.60 -24.15 -10.90
N ILE E 116 -6.33 -23.28 -11.59
CA ILE E 116 -6.32 -23.36 -13.05
C ILE E 116 -4.91 -23.25 -13.61
N HIS E 117 -4.04 -22.47 -12.99
CA HIS E 117 -2.68 -22.44 -13.52
C HIS E 117 -2.04 -23.80 -13.43
N ALA E 118 -2.41 -24.57 -12.41
CA ALA E 118 -1.88 -25.92 -12.21
C ALA E 118 -2.66 -26.96 -12.99
N LYS E 119 -3.48 -26.52 -13.93
CA LYS E 119 -4.30 -27.40 -14.76
C LYS E 119 -5.37 -28.13 -13.94
N ARG E 120 -5.80 -27.58 -12.80
CA ARG E 120 -6.83 -28.19 -11.97
C ARG E 120 -8.08 -27.32 -11.97
N VAL E 121 -9.18 -27.93 -11.56
CA VAL E 121 -10.43 -27.24 -11.35
C VAL E 121 -10.76 -27.10 -9.88
N THR E 122 -9.97 -27.73 -9.00
CA THR E 122 -10.28 -27.84 -7.58
C THR E 122 -9.29 -26.96 -6.83
N ILE E 123 -9.81 -25.99 -6.06
CA ILE E 123 -8.92 -25.18 -5.24
C ILE E 123 -8.42 -26.00 -4.06
N MET E 124 -7.12 -25.97 -3.85
CA MET E 124 -6.45 -26.68 -2.78
C MET E 124 -5.68 -25.71 -1.88
N PRO E 125 -5.36 -26.11 -0.65
CA PRO E 125 -4.55 -25.23 0.20
C PRO E 125 -3.25 -24.77 -0.43
N LYS E 126 -2.60 -25.56 -1.27
CA LYS E 126 -1.39 -25.08 -1.94
C LYS E 126 -1.72 -23.87 -2.83
N ASP E 127 -2.92 -23.84 -3.43
CA ASP E 127 -3.33 -22.69 -4.23
C ASP E 127 -3.45 -21.43 -3.36
N ILE E 128 -4.26 -21.50 -2.29
CA ILE E 128 -4.38 -20.40 -1.33
C ILE E 128 -3.01 -19.93 -0.86
N GLN E 129 -2.14 -20.85 -0.49
CA GLN E 129 -0.84 -20.43 0.05
C GLN E 129 0.00 -19.74 -1.02
N LEU E 130 -0.12 -20.17 -2.28
CA LEU E 130 0.59 -19.46 -3.33
C LEU E 130 0.03 -18.05 -3.53
N ALA E 131 -1.31 -17.90 -3.55
CA ALA E 131 -1.89 -16.56 -3.61
C ALA E 131 -1.36 -15.69 -2.50
N ARG E 132 -1.35 -16.19 -1.26
CA ARG E 132 -0.97 -15.30 -0.17
C ARG E 132 0.51 -15.00 -0.20
N ARG E 133 1.34 -15.89 -0.70
CA ARG E 133 2.76 -15.58 -0.76
C ARG E 133 3.03 -14.54 -1.85
N ILE E 134 2.33 -14.62 -2.97
CA ILE E 134 2.60 -13.65 -4.03
C ILE E 134 1.96 -12.30 -3.70
N ARG E 135 0.73 -12.30 -3.18
CA ARG E 135 0.17 -11.08 -2.63
C ARG E 135 1.08 -10.46 -1.59
N GLY E 136 2.06 -11.21 -1.10
CA GLY E 136 2.95 -10.67 -0.08
C GLY E 136 2.31 -10.54 1.27
N GLU E 137 1.22 -11.26 1.53
CA GLU E 137 0.66 -11.33 2.86
C GLU E 137 1.44 -12.31 3.76
N ARG E 138 2.47 -12.96 3.24
CA ARG E 138 3.09 -14.13 3.88
C ARG E 138 4.41 -14.43 3.17
N ALA E 139 5.37 -14.98 3.91
CA ALA E 139 6.56 -15.64 3.33
C ALA E 139 7.28 -14.91 2.18
N ARG F 23 -20.55 -12.73 32.53
CA ARG F 23 -20.26 -13.09 31.14
C ARG F 23 -20.69 -14.50 30.77
N LYS F 24 -20.24 -14.98 29.61
CA LYS F 24 -19.99 -16.40 29.39
C LYS F 24 -18.73 -16.53 28.55
N VAL F 25 -18.19 -17.73 28.54
CA VAL F 25 -16.85 -17.94 28.03
C VAL F 25 -16.93 -18.06 26.53
N LEU F 26 -16.12 -17.27 25.82
CA LEU F 26 -16.05 -17.35 24.36
C LEU F 26 -14.88 -18.24 23.97
N ARG F 27 -15.18 -19.36 23.31
CA ARG F 27 -14.08 -20.17 22.83
C ARG F 27 -14.58 -21.02 21.67
N ASP F 28 -13.65 -21.31 20.74
CA ASP F 28 -13.90 -22.05 19.47
C ASP F 28 -14.94 -21.42 18.54
N ASN F 29 -14.95 -20.08 18.42
CA ASN F 29 -16.03 -19.52 17.61
C ASN F 29 -15.77 -19.53 16.08
N ILE F 30 -14.51 -19.63 15.65
CA ILE F 30 -14.16 -19.82 14.27
C ILE F 30 -14.85 -21.05 13.70
N GLN F 31 -15.31 -21.95 14.54
CA GLN F 31 -16.01 -23.10 13.96
C GLN F 31 -17.43 -22.74 13.61
N GLY F 32 -17.88 -21.58 14.06
CA GLY F 32 -19.21 -21.10 13.74
C GLY F 32 -19.37 -20.62 12.32
N ILE F 33 -18.26 -20.21 11.69
CA ILE F 33 -18.17 -19.95 10.25
C ILE F 33 -18.21 -21.34 9.62
N THR F 34 -19.37 -21.73 9.09
CA THR F 34 -19.60 -23.12 8.74
C THR F 34 -19.01 -23.46 7.37
N LYS F 35 -19.05 -24.73 7.02
CA LYS F 35 -18.52 -25.14 5.72
C LYS F 35 -19.39 -24.61 4.58
N PRO F 36 -20.71 -24.66 4.67
CA PRO F 36 -21.50 -24.06 3.60
C PRO F 36 -21.23 -22.55 3.39
N ALA F 37 -20.94 -21.76 4.44
CA ALA F 37 -20.70 -20.34 4.18
C ALA F 37 -19.34 -20.11 3.52
N ILE F 38 -18.33 -20.88 3.89
CA ILE F 38 -17.09 -20.82 3.13
C ILE F 38 -17.40 -21.21 1.70
N ARG F 39 -18.39 -22.07 1.49
CA ARG F 39 -18.66 -22.49 0.12
C ARG F 39 -19.30 -21.36 -0.66
N ARG F 40 -20.23 -20.64 -0.04
CA ARG F 40 -20.86 -19.52 -0.70
C ARG F 40 -19.83 -18.46 -1.05
N LEU F 41 -18.97 -18.12 -0.10
CA LEU F 41 -17.89 -17.18 -0.42
C LEU F 41 -17.04 -17.71 -1.57
N ALA F 42 -16.79 -19.00 -1.62
CA ALA F 42 -15.99 -19.51 -2.73
C ALA F 42 -16.72 -19.36 -4.08
N ARG F 43 -18.06 -19.41 -4.08
CA ARG F 43 -18.83 -19.34 -5.32
C ARG F 43 -18.88 -17.92 -5.85
N ARG F 44 -19.19 -16.95 -4.98
CA ARG F 44 -19.08 -15.57 -5.43
C ARG F 44 -17.69 -15.27 -5.99
N GLY F 45 -16.68 -15.99 -5.54
CA GLY F 45 -15.34 -15.79 -6.06
C GLY F 45 -14.99 -16.61 -7.27
N GLY F 46 -15.96 -17.35 -7.84
CA GLY F 46 -15.73 -18.07 -9.08
C GLY F 46 -15.18 -19.47 -8.97
N VAL F 47 -15.46 -20.18 -7.88
CA VAL F 47 -14.77 -21.42 -7.57
C VAL F 47 -15.71 -22.59 -7.83
N LYS F 48 -15.31 -23.50 -8.72
CA LYS F 48 -16.22 -24.59 -9.08
C LYS F 48 -16.11 -25.76 -8.11
N ARG F 49 -14.91 -26.05 -7.64
CA ARG F 49 -14.70 -27.28 -6.91
C ARG F 49 -13.68 -27.05 -5.80
N ILE F 50 -14.04 -27.46 -4.60
CA ILE F 50 -13.34 -27.13 -3.36
C ILE F 50 -12.80 -28.41 -2.74
N SER F 51 -11.48 -28.56 -2.70
CA SER F 51 -10.89 -29.66 -1.94
C SER F 51 -11.28 -29.59 -0.46
N GLY F 52 -11.30 -30.75 0.19
CA GLY F 52 -11.84 -30.82 1.55
C GLY F 52 -10.95 -30.20 2.61
N LEU F 53 -9.68 -30.02 2.33
CA LEU F 53 -8.80 -29.33 3.23
C LEU F 53 -8.90 -27.81 3.13
N ILE F 54 -9.67 -27.27 2.18
CA ILE F 54 -9.80 -25.82 2.06
C ILE F 54 -10.48 -25.23 3.29
N TYR F 55 -11.51 -25.91 3.83
CA TYR F 55 -12.35 -25.22 4.81
C TYR F 55 -11.55 -24.83 6.05
N GLU F 56 -10.76 -25.77 6.61
CA GLU F 56 -9.97 -25.37 7.77
C GLU F 56 -8.93 -24.33 7.38
N GLU F 57 -8.33 -24.44 6.18
CA GLU F 57 -7.41 -23.38 5.72
C GLU F 57 -8.12 -22.04 5.61
N THR F 58 -9.34 -22.03 5.09
CA THR F 58 -10.05 -20.76 5.06
C THR F 58 -10.21 -20.24 6.47
N ARG F 59 -10.60 -21.10 7.40
CA ARG F 59 -10.78 -20.64 8.79
C ARG F 59 -9.49 -20.09 9.36
N GLY F 60 -8.36 -20.62 8.88
CA GLY F 60 -7.10 -20.10 9.36
C GLY F 60 -6.92 -18.67 8.95
N VAL F 61 -7.14 -18.40 7.64
CA VAL F 61 -6.84 -17.11 7.03
C VAL F 61 -7.79 -16.06 7.52
N LEU F 62 -9.07 -16.41 7.62
CA LEU F 62 -10.04 -15.51 8.19
C LEU F 62 -9.61 -15.09 9.58
N LYS F 63 -9.13 -16.08 10.36
CA LYS F 63 -8.71 -15.83 11.73
C LYS F 63 -7.57 -14.85 11.76
N VAL F 64 -6.60 -14.99 10.86
CA VAL F 64 -5.53 -14.00 10.87
C VAL F 64 -6.08 -12.65 10.45
N PHE F 65 -6.96 -12.64 9.43
CA PHE F 65 -7.46 -11.38 8.92
C PHE F 65 -8.13 -10.60 10.04
N LEU F 66 -9.12 -11.19 10.69
CA LEU F 66 -9.80 -10.47 11.76
C LEU F 66 -8.82 -10.08 12.88
N GLU F 67 -7.84 -10.93 13.21
CA GLU F 67 -6.96 -10.51 14.29
C GLU F 67 -6.27 -9.23 13.89
N ASN F 68 -5.72 -9.20 12.66
CA ASN F 68 -4.94 -8.02 12.28
C ASN F 68 -5.83 -6.79 12.15
N VAL F 69 -7.09 -6.97 11.78
CA VAL F 69 -7.92 -5.78 11.72
C VAL F 69 -8.27 -5.35 13.13
N ILE F 70 -8.66 -6.33 13.97
CA ILE F 70 -9.26 -6.03 15.25
C ILE F 70 -8.21 -5.52 16.22
N ARG F 71 -6.99 -6.04 16.15
CA ARG F 71 -5.95 -5.43 16.96
C ARG F 71 -5.90 -3.92 16.72
N ASP F 72 -5.75 -3.51 15.45
CA ASP F 72 -5.64 -2.08 15.14
C ASP F 72 -6.91 -1.33 15.53
N ALA F 73 -8.08 -1.91 15.29
CA ALA F 73 -9.24 -1.14 15.69
C ALA F 73 -9.20 -0.89 17.18
N VAL F 74 -8.89 -1.94 17.96
CA VAL F 74 -8.90 -1.82 19.42
C VAL F 74 -7.85 -0.81 19.84
N THR F 75 -6.70 -0.81 19.15
CA THR F 75 -5.72 0.25 19.41
C THR F 75 -6.30 1.65 19.20
N TYR F 76 -7.10 1.90 18.13
CA TYR F 76 -7.72 3.22 18.02
C TYR F 76 -8.72 3.44 19.19
N THR F 77 -9.54 2.43 19.53
CA THR F 77 -10.52 2.60 20.62
C THR F 77 -9.84 2.83 21.97
N GLU F 78 -8.75 2.10 22.25
CA GLU F 78 -8.02 2.34 23.49
C GLU F 78 -7.47 3.75 23.50
N HIS F 79 -7.06 4.26 22.34
CA HIS F 79 -6.48 5.59 22.33
C HIS F 79 -7.53 6.66 22.56
N ALA F 80 -8.76 6.41 22.16
CA ALA F 80 -9.84 7.33 22.39
C ALA F 80 -10.37 7.29 23.80
N LYS F 81 -9.69 6.59 24.71
CA LYS F 81 -10.21 6.32 26.05
C LYS F 81 -11.67 5.87 26.00
N ARG F 82 -11.98 4.93 25.11
CA ARG F 82 -13.34 4.44 24.96
C ARG F 82 -13.42 2.94 25.23
N LYS F 83 -14.61 2.46 25.60
CA LYS F 83 -14.82 1.03 25.76
C LYS F 83 -15.69 0.42 24.66
N THR F 84 -16.22 1.23 23.75
CA THR F 84 -17.06 0.76 22.65
C THR F 84 -16.25 0.92 21.38
N VAL F 85 -16.01 -0.18 20.68
CA VAL F 85 -15.42 -0.11 19.34
C VAL F 85 -16.44 0.49 18.37
N THR F 86 -16.04 1.54 17.66
CA THR F 86 -16.93 2.21 16.72
C THR F 86 -16.58 1.83 15.28
N ALA F 87 -17.61 1.91 14.41
CA ALA F 87 -17.42 1.65 12.97
C ALA F 87 -16.29 2.50 12.42
N MET F 88 -16.11 3.71 12.94
CA MET F 88 -14.97 4.49 12.51
C MET F 88 -13.64 3.85 12.93
N ASP F 89 -13.57 3.22 14.12
CA ASP F 89 -12.32 2.55 14.49
C ASP F 89 -11.99 1.45 13.52
N VAL F 90 -12.99 0.63 13.17
CA VAL F 90 -12.79 -0.40 12.16
C VAL F 90 -12.35 0.21 10.84
N VAL F 91 -12.97 1.33 10.44
CA VAL F 91 -12.66 1.94 9.13
C VAL F 91 -11.22 2.44 9.11
N TYR F 92 -10.80 3.08 10.19
CA TYR F 92 -9.42 3.50 10.29
C TYR F 92 -8.46 2.35 10.24
N ALA F 93 -8.77 1.25 10.96
CA ALA F 93 -7.90 0.08 10.97
C ALA F 93 -7.74 -0.47 9.56
N LEU F 94 -8.89 -0.66 8.86
CA LEU F 94 -8.87 -1.19 7.49
C LEU F 94 -8.06 -0.30 6.56
N LYS F 95 -8.30 1.02 6.59
CA LYS F 95 -7.45 1.88 5.77
C LYS F 95 -5.98 1.69 6.12
N ARG F 96 -5.67 1.70 7.41
CA ARG F 96 -4.33 1.48 7.91
C ARG F 96 -3.75 0.18 7.37
N GLN F 97 -4.56 -0.88 7.37
CA GLN F 97 -4.24 -2.22 6.88
C GLN F 97 -4.16 -2.30 5.34
N GLY F 98 -4.49 -1.22 4.62
CA GLY F 98 -4.46 -1.29 3.17
C GLY F 98 -5.70 -1.88 2.54
N ARG F 99 -6.79 -1.98 3.29
CA ARG F 99 -8.03 -2.50 2.77
C ARG F 99 -9.11 -1.47 3.06
N THR F 100 -9.02 -0.34 2.38
CA THR F 100 -9.94 0.78 2.54
C THR F 100 -11.36 0.36 2.22
N LEU F 101 -12.30 0.73 3.08
CA LEU F 101 -13.71 0.39 2.96
C LEU F 101 -14.57 1.64 2.80
N TYR F 102 -15.46 1.65 1.81
CA TYR F 102 -16.45 2.70 1.66
C TYR F 102 -17.79 2.23 2.21
N GLY F 103 -18.54 3.14 2.81
CA GLY F 103 -19.88 2.86 3.22
C GLY F 103 -20.12 3.02 4.70
N PHE F 104 -19.08 3.22 5.48
CA PHE F 104 -19.19 3.66 6.85
C PHE F 104 -18.41 4.95 7.02
N GLY F 105 -17.24 5.05 6.35
CA GLY F 105 -16.46 6.28 6.16
C GLY F 105 -16.42 7.34 7.24
N LYS G 19 22.29 22.05 29.28
CA LYS G 19 21.94 20.65 29.08
C LYS G 19 20.97 20.47 27.91
N THR G 20 21.26 19.54 27.00
CA THR G 20 20.34 19.27 25.90
C THR G 20 19.33 18.22 26.35
N ARG G 21 18.13 18.28 25.77
CA ARG G 21 17.09 17.34 26.17
C ARG G 21 17.53 15.90 25.91
N SER G 22 18.42 15.70 24.94
CA SER G 22 18.92 14.35 24.69
C SER G 22 19.61 13.79 25.92
N SER G 23 20.41 14.63 26.59
CA SER G 23 21.07 14.21 27.82
C SER G 23 20.06 13.91 28.92
N ARG G 24 19.13 14.83 29.16
CA ARG G 24 18.15 14.55 30.22
C ARG G 24 17.24 13.36 29.89
N ALA G 25 17.23 12.86 28.65
CA ALA G 25 16.55 11.62 28.35
C ALA G 25 17.50 10.44 28.09
N GLY G 26 18.79 10.68 28.00
CA GLY G 26 19.72 9.57 27.88
C GLY G 26 19.87 9.07 26.47
N LEU G 27 19.81 9.97 25.50
CA LEU G 27 19.66 9.61 24.10
C LEU G 27 20.88 10.03 23.30
N GLN G 28 21.25 9.21 22.32
CA GLN G 28 22.25 9.65 21.37
C GLN G 28 21.64 10.54 20.30
N PHE G 29 20.27 10.38 20.02
CA PHE G 29 19.51 11.01 18.96
C PHE G 29 18.98 12.35 19.41
N PRO G 30 18.82 13.30 18.45
CA PRO G 30 18.64 14.70 18.81
C PRO G 30 17.22 15.10 19.13
N VAL G 31 16.90 15.15 20.42
CA VAL G 31 15.55 15.50 20.85
C VAL G 31 15.14 16.89 20.33
N GLY G 32 16.08 17.84 20.31
CA GLY G 32 15.75 19.16 19.83
C GLY G 32 15.35 19.17 18.37
N ARG G 33 16.19 18.57 17.54
CA ARG G 33 15.92 18.55 16.10
C ARG G 33 14.63 17.81 15.79
N VAL G 34 14.40 16.66 16.43
CA VAL G 34 13.14 15.93 16.25
C VAL G 34 11.95 16.80 16.65
N HIS G 35 12.12 17.68 17.66
CA HIS G 35 11.03 18.59 18.04
C HIS G 35 10.79 19.61 16.96
N ARG G 36 11.86 20.05 16.31
CA ARG G 36 11.73 21.06 15.27
C ARG G 36 11.11 20.47 14.00
N LEU G 37 11.54 19.27 13.59
CA LEU G 37 10.90 18.60 12.47
C LEU G 37 9.43 18.31 12.76
N LEU G 38 9.10 17.96 13.99
CA LEU G 38 7.70 17.75 14.32
C LEU G 38 6.91 19.05 14.17
N ARG G 39 7.39 20.15 14.76
CA ARG G 39 6.68 21.44 14.63
C ARG G 39 6.59 21.87 13.18
N LYS G 40 7.66 21.65 12.41
CA LYS G 40 7.84 22.18 11.07
C LYS G 40 7.34 21.25 9.97
N GLY G 41 6.75 20.11 10.29
CA GLY G 41 6.36 19.14 9.30
C GLY G 41 4.87 19.04 9.04
N ASN G 42 4.06 19.94 9.63
CA ASN G 42 2.61 20.01 9.36
C ASN G 42 1.89 18.78 9.85
N TYR G 43 2.28 18.29 11.03
CA TYR G 43 1.58 17.14 11.61
C TYR G 43 0.46 17.54 12.56
N SER G 44 0.56 18.71 13.18
CA SER G 44 -0.48 19.17 14.10
C SER G 44 -0.13 20.60 14.44
N GLU G 45 -1.09 21.31 15.02
CA GLU G 45 -0.81 22.70 15.37
C GLU G 45 0.25 22.82 16.47
N ARG G 46 0.34 21.86 17.38
CA ARG G 46 1.21 22.00 18.55
C ARG G 46 1.73 20.64 19.01
N VAL G 47 2.98 20.63 19.47
CA VAL G 47 3.74 19.43 19.80
C VAL G 47 4.16 19.49 21.28
N GLY G 48 3.61 18.60 22.10
CA GLY G 48 4.11 18.47 23.46
C GLY G 48 5.59 18.16 23.52
N ALA G 49 6.22 18.52 24.65
CA ALA G 49 7.65 18.27 24.82
C ALA G 49 7.96 16.82 25.14
N GLY G 50 6.96 16.00 25.45
CA GLY G 50 7.23 14.59 25.65
C GLY G 50 7.37 13.86 24.33
N ALA G 51 6.69 14.35 23.28
CA ALA G 51 6.63 13.67 21.98
C ALA G 51 7.97 13.56 21.27
N PRO G 52 8.80 14.59 21.16
CA PRO G 52 10.11 14.36 20.52
C PRO G 52 11.00 13.47 21.36
N VAL G 53 10.82 13.49 22.69
CA VAL G 53 11.58 12.58 23.53
C VAL G 53 11.22 11.13 23.20
N TYR G 54 9.92 10.83 23.21
CA TYR G 54 9.55 9.44 23.06
C TYR G 54 9.84 8.98 21.65
N LEU G 55 9.65 9.89 20.67
CA LEU G 55 9.96 9.58 19.28
C LEU G 55 11.44 9.34 19.07
N ALA G 56 12.29 10.28 19.50
CA ALA G 56 13.72 10.11 19.30
C ALA G 56 14.21 8.85 20.01
N ALA G 57 13.55 8.48 21.12
CA ALA G 57 13.86 7.21 21.77
C ALA G 57 13.64 6.07 20.79
N VAL G 58 12.42 5.96 20.24
CA VAL G 58 12.11 4.87 19.30
C VAL G 58 13.07 4.87 18.12
N LEU G 59 13.46 6.05 17.63
CA LEU G 59 14.36 6.08 16.48
C LEU G 59 15.73 5.54 16.82
N GLU G 60 16.32 6.03 17.93
CA GLU G 60 17.61 5.50 18.40
C GLU G 60 17.52 3.99 18.65
N TYR G 61 16.42 3.53 19.26
CA TYR G 61 16.28 2.11 19.51
C TYR G 61 16.36 1.30 18.23
N LEU G 62 15.51 1.63 17.22
CA LEU G 62 15.47 0.81 16.01
C LEU G 62 16.78 0.90 15.22
N THR G 63 17.38 2.10 15.18
CA THR G 63 18.71 2.24 14.59
C THR G 63 19.67 1.27 15.24
N ALA G 64 19.56 1.13 16.56
CA ALA G 64 20.47 0.27 17.29
C ALA G 64 20.23 -1.20 16.98
N GLU G 65 18.98 -1.66 17.04
CA GLU G 65 18.66 -3.05 16.70
C GLU G 65 19.20 -3.42 15.31
N ILE G 66 18.98 -2.55 14.32
CA ILE G 66 19.50 -2.83 12.99
C ILE G 66 21.01 -2.84 13.01
N LEU G 67 21.63 -1.87 13.70
CA LEU G 67 23.09 -1.81 13.72
C LEU G 67 23.70 -3.02 14.41
N GLU G 68 23.04 -3.55 15.44
CA GLU G 68 23.52 -4.76 16.07
C GLU G 68 23.51 -5.92 15.10
N LEU G 69 22.33 -6.26 14.54
CA LEU G 69 22.26 -7.43 13.67
C LEU G 69 23.12 -7.25 12.42
N ALA G 70 23.17 -6.04 11.88
CA ALA G 70 24.03 -5.81 10.74
C ALA G 70 25.49 -6.04 11.12
N GLY G 71 25.95 -5.44 12.22
CA GLY G 71 27.32 -5.66 12.66
C GLY G 71 27.66 -7.13 12.78
N ASN G 72 26.78 -7.90 13.44
CA ASN G 72 26.96 -9.34 13.58
C ASN G 72 27.26 -9.95 12.23
N ALA G 73 26.41 -9.65 11.25
CA ALA G 73 26.64 -10.20 9.93
C ALA G 73 27.96 -9.70 9.33
N ALA G 74 28.37 -8.47 9.67
CA ALA G 74 29.57 -7.91 9.06
C ALA G 74 30.84 -8.64 9.49
N ARG G 75 30.90 -9.09 10.76
CA ARG G 75 32.08 -9.83 11.18
C ARG G 75 31.91 -11.33 10.99
N ASP G 76 30.67 -11.84 10.92
CA ASP G 76 30.65 -13.23 10.50
C ASP G 76 30.89 -13.37 9.00
N ASN G 77 30.81 -12.28 8.23
CA ASN G 77 31.29 -12.22 6.85
C ASN G 77 32.75 -11.77 6.72
N LYS G 78 33.50 -11.80 7.83
CA LYS G 78 34.94 -11.54 7.84
C LYS G 78 35.29 -10.07 7.57
N LYS G 79 34.40 -9.12 7.84
CA LYS G 79 34.70 -7.73 7.48
C LYS G 79 34.54 -6.78 8.67
N THR G 80 35.28 -5.66 8.57
CA THR G 80 35.31 -4.62 9.60
C THR G 80 34.16 -3.64 9.50
N ARG G 81 33.68 -3.34 8.30
CA ARG G 81 32.81 -2.20 8.05
C ARG G 81 31.46 -2.69 7.50
N ILE G 82 30.38 -2.21 8.12
CA ILE G 82 29.04 -2.55 7.67
C ILE G 82 28.80 -1.95 6.29
N ILE G 83 28.34 -2.78 5.36
CA ILE G 83 28.02 -2.37 3.99
C ILE G 83 26.54 -2.69 3.78
N PRO G 84 25.90 -2.18 2.71
CA PRO G 84 24.46 -2.45 2.56
C PRO G 84 24.14 -3.93 2.56
N ARG G 85 25.02 -4.75 1.98
CA ARG G 85 24.81 -6.18 1.99
C ARG G 85 24.56 -6.69 3.41
N HIS G 86 25.30 -6.16 4.40
CA HIS G 86 25.16 -6.60 5.79
C HIS G 86 23.84 -6.12 6.37
N LEU G 87 23.46 -4.87 6.06
CA LEU G 87 22.14 -4.39 6.43
C LEU G 87 21.05 -5.25 5.82
N GLN G 88 21.23 -5.68 4.59
CA GLN G 88 20.20 -6.46 3.92
C GLN G 88 20.08 -7.86 4.54
N LEU G 89 21.23 -8.51 4.82
CA LEU G 89 21.21 -9.77 5.56
C LEU G 89 20.51 -9.62 6.90
N ALA G 90 20.85 -8.56 7.64
CA ALA G 90 20.21 -8.31 8.92
C ALA G 90 18.69 -8.14 8.76
N ILE G 91 18.28 -7.25 7.83
CA ILE G 91 16.85 -6.95 7.63
C ILE G 91 16.08 -8.20 7.28
N ARG G 92 16.59 -8.96 6.31
CA ARG G 92 15.75 -10.02 5.78
C ARG G 92 15.79 -11.28 6.61
N ASN G 93 16.89 -11.56 7.31
CA ASN G 93 16.88 -12.76 8.15
C ASN G 93 16.14 -12.56 9.46
N ASP G 94 15.95 -11.32 9.91
CA ASP G 94 15.10 -11.07 11.06
C ASP G 94 13.64 -10.91 10.63
N GLU G 95 12.74 -11.61 11.33
CA GLU G 95 11.32 -11.60 10.96
C GLU G 95 10.70 -10.21 11.09
N GLU G 96 10.85 -9.56 12.24
CA GLU G 96 10.07 -8.36 12.48
C GLU G 96 10.66 -7.14 11.76
N LEU G 97 11.97 -7.07 11.61
CA LEU G 97 12.53 -6.05 10.74
C LEU G 97 12.10 -6.29 9.29
N ASN G 98 12.11 -7.55 8.86
CA ASN G 98 11.68 -7.85 7.50
C ASN G 98 10.28 -7.35 7.25
N LYS G 99 9.35 -7.62 8.16
CA LYS G 99 8.01 -7.16 7.86
C LYS G 99 7.93 -5.64 7.98
N LEU G 100 8.62 -5.04 8.97
CA LEU G 100 8.61 -3.59 9.05
C LEU G 100 9.15 -2.94 7.77
N LEU G 101 10.14 -3.56 7.13
CA LEU G 101 10.70 -3.07 5.89
C LEU G 101 10.27 -3.94 4.70
N GLY G 102 9.07 -4.52 4.80
CA GLY G 102 8.56 -5.37 3.73
C GLY G 102 8.59 -4.71 2.37
N ARG G 103 8.15 -3.45 2.30
CA ARG G 103 7.98 -2.71 1.05
C ARG G 103 9.15 -1.76 0.80
N VAL G 104 10.34 -2.12 1.24
CA VAL G 104 11.48 -1.24 1.14
C VAL G 104 12.57 -1.98 0.40
N THR G 105 13.38 -1.24 -0.33
CA THR G 105 14.43 -1.80 -1.17
C THR G 105 15.73 -1.18 -0.70
N ILE G 106 16.68 -2.01 -0.30
CA ILE G 106 17.96 -1.51 0.18
C ILE G 106 18.91 -1.43 -1.01
N ALA G 107 19.33 -0.23 -1.35
CA ALA G 107 20.24 -0.07 -2.46
C ALA G 107 21.50 -0.87 -2.21
N GLN G 108 21.83 -1.76 -3.14
CA GLN G 108 22.98 -2.66 -3.06
C GLN G 108 22.82 -3.76 -2.02
N GLY G 109 21.59 -4.11 -1.65
CA GLY G 109 21.37 -5.17 -0.68
C GLY G 109 21.59 -6.58 -1.18
N GLY G 110 21.32 -6.84 -2.48
CA GLY G 110 21.35 -8.24 -2.96
C GLY G 110 20.15 -9.04 -2.46
N VAL G 111 20.24 -10.36 -2.59
CA VAL G 111 19.17 -11.17 -2.02
C VAL G 111 19.77 -12.13 -1.01
N LEU G 112 18.93 -12.67 -0.16
CA LEU G 112 19.67 -13.66 0.62
C LEU G 112 19.56 -15.03 -0.04
N PRO G 113 20.66 -15.81 -0.10
CA PRO G 113 20.65 -17.07 -0.85
C PRO G 113 19.52 -18.02 -0.47
N ASN G 114 18.69 -18.37 -1.45
CA ASN G 114 17.63 -19.35 -1.27
C ASN G 114 17.37 -20.00 -2.62
N ILE G 115 17.45 -21.33 -2.70
CA ILE G 115 17.15 -22.10 -3.90
C ILE G 115 15.99 -23.04 -3.63
N GLN G 116 15.01 -23.04 -4.52
CA GLN G 116 13.89 -23.95 -4.34
C GLN G 116 14.37 -25.40 -4.40
N ALA G 117 13.98 -26.17 -3.38
CA ALA G 117 14.46 -27.53 -3.23
C ALA G 117 14.32 -28.33 -4.53
N VAL G 118 13.18 -28.19 -5.20
CA VAL G 118 12.89 -29.00 -6.39
C VAL G 118 13.76 -28.66 -7.59
N LEU G 119 14.54 -27.60 -7.50
CA LEU G 119 15.51 -27.31 -8.55
C LEU G 119 16.86 -27.92 -8.27
N LEU G 120 17.06 -28.42 -7.06
CA LEU G 120 18.31 -29.03 -6.65
C LEU G 120 18.53 -30.36 -7.39
N PRO G 121 19.79 -30.78 -7.55
CA PRO G 121 20.07 -32.02 -8.27
C PRO G 121 19.70 -33.24 -7.45
N LYS G 122 19.75 -34.39 -8.12
CA LYS G 122 19.57 -35.74 -7.54
C LYS G 122 18.09 -36.10 -7.40
N LYS H 38 21.55 19.94 3.99
CA LYS H 38 22.67 20.18 4.89
C LYS H 38 22.54 19.38 6.20
N GLU H 39 21.50 18.56 6.35
CA GLU H 39 21.26 17.81 7.59
C GLU H 39 21.36 16.31 7.34
N SER H 40 21.77 15.59 8.38
CA SER H 40 21.72 14.14 8.33
C SER H 40 21.51 13.63 9.74
N TYR H 41 21.39 12.31 9.87
CA TYR H 41 21.42 11.63 11.16
C TYR H 41 22.73 10.91 11.41
N SER H 42 23.76 11.19 10.61
CA SER H 42 24.97 10.38 10.61
C SER H 42 25.70 10.40 11.96
N ILE H 43 25.83 11.57 12.62
CA ILE H 43 26.59 11.58 13.87
C ILE H 43 25.91 10.72 14.92
N TYR H 44 24.57 10.70 14.94
CA TYR H 44 23.87 9.87 15.92
C TYR H 44 23.93 8.40 15.54
N VAL H 45 23.70 8.08 14.27
CA VAL H 45 23.84 6.70 13.82
C VAL H 45 25.21 6.17 14.17
N TYR H 46 26.24 6.98 13.95
CA TYR H 46 27.61 6.56 14.28
C TYR H 46 27.80 6.40 15.78
N LYS H 47 27.30 7.37 16.57
CA LYS H 47 27.39 7.27 18.02
C LYS H 47 26.76 5.98 18.52
N VAL H 48 25.53 5.70 18.10
CA VAL H 48 24.83 4.48 18.51
C VAL H 48 25.59 3.24 18.03
N LEU H 49 26.13 3.29 16.81
CA LEU H 49 26.92 2.17 16.30
C LEU H 49 28.08 1.88 17.22
N LYS H 50 28.83 2.94 17.59
CA LYS H 50 29.94 2.77 18.51
C LYS H 50 29.46 2.23 19.86
N GLN H 51 28.30 2.68 20.33
CA GLN H 51 27.72 2.15 21.56
C GLN H 51 27.51 0.63 21.49
N VAL H 52 26.96 0.14 20.37
CA VAL H 52 26.50 -1.26 20.28
C VAL H 52 27.63 -2.19 19.81
N HIS H 53 28.40 -1.80 18.78
CA HIS H 53 29.47 -2.60 18.20
C HIS H 53 30.73 -1.77 18.08
N PRO H 54 31.49 -1.62 19.16
CA PRO H 54 32.44 -0.49 19.24
C PRO H 54 33.62 -0.57 18.29
N ASP H 55 33.92 -1.74 17.72
CA ASP H 55 35.08 -1.85 16.84
C ASP H 55 34.74 -2.10 15.37
N THR H 56 33.48 -1.91 14.95
CA THR H 56 33.12 -2.01 13.55
C THR H 56 32.68 -0.66 13.00
N GLY H 57 32.85 -0.48 11.67
CA GLY H 57 32.52 0.74 10.98
C GLY H 57 31.35 0.64 10.01
N ILE H 58 31.14 1.72 9.26
CA ILE H 58 30.05 1.86 8.27
C ILE H 58 30.62 2.32 6.93
N SER H 59 30.12 1.72 5.87
CA SER H 59 30.44 2.22 4.55
C SER H 59 29.67 3.50 4.32
N SER H 60 30.12 4.30 3.36
CA SER H 60 29.37 5.50 3.06
C SER H 60 27.93 5.16 2.69
N LYS H 61 27.74 4.23 1.77
CA LYS H 61 26.40 3.97 1.27
C LYS H 61 25.56 3.25 2.31
N ALA H 62 26.17 2.36 3.11
CA ALA H 62 25.45 1.78 4.26
C ALA H 62 24.97 2.87 5.23
N MET H 63 25.77 3.94 5.38
CA MET H 63 25.31 5.06 6.19
C MET H 63 24.14 5.76 5.52
N GLY H 64 24.19 5.85 4.19
CA GLY H 64 23.05 6.37 3.46
C GLY H 64 21.79 5.55 3.67
N ILE H 65 21.91 4.21 3.68
CA ILE H 65 20.82 3.34 4.08
C ILE H 65 20.33 3.72 5.48
N MET H 66 21.25 3.95 6.41
CA MET H 66 20.79 4.22 7.77
C MET H 66 20.05 5.55 7.85
N ASN H 67 20.58 6.59 7.20
CA ASN H 67 19.89 7.86 7.15
C ASN H 67 18.50 7.74 6.51
N SER H 68 18.41 7.05 5.35
CA SER H 68 17.11 6.88 4.73
C SER H 68 16.15 6.18 5.68
N PHE H 69 16.65 5.17 6.42
CA PHE H 69 15.80 4.40 7.33
C PHE H 69 15.23 5.28 8.43
N VAL H 70 16.08 6.11 9.04
CA VAL H 70 15.57 6.98 10.10
C VAL H 70 14.50 7.90 9.52
N ASN H 71 14.78 8.53 8.37
CA ASN H 71 13.79 9.47 7.83
C ASN H 71 12.47 8.77 7.49
N ASP H 72 12.53 7.58 6.88
CA ASP H 72 11.31 6.80 6.62
C ASP H 72 10.54 6.55 7.91
N ILE H 73 11.22 6.00 8.96
CA ILE H 73 10.48 5.62 10.16
C ILE H 73 9.96 6.85 10.88
N PHE H 74 10.77 7.90 10.95
CA PHE H 74 10.27 9.18 11.44
C PHE H 74 8.96 9.52 10.76
N GLU H 75 8.95 9.51 9.42
CA GLU H 75 7.77 10.01 8.72
C GLU H 75 6.55 9.12 8.97
N ARG H 76 6.75 7.79 9.07
CA ARG H 76 5.64 6.90 9.37
C ARG H 76 5.04 7.18 10.74
N ILE H 77 5.91 7.33 11.77
CA ILE H 77 5.42 7.58 13.12
C ILE H 77 4.69 8.91 13.17
N ALA H 78 5.40 9.97 12.78
CA ALA H 78 4.83 11.31 12.79
C ALA H 78 3.51 11.37 12.04
N GLY H 79 3.45 10.75 10.84
CA GLY H 79 2.22 10.79 10.06
C GLY H 79 1.06 10.14 10.77
N GLU H 80 1.27 8.91 11.24
CA GLU H 80 0.21 8.19 11.93
C GLU H 80 -0.23 8.92 13.19
N ALA H 81 0.72 9.56 13.88
CA ALA H 81 0.38 10.29 15.08
C ALA H 81 -0.49 11.49 14.75
N SER H 82 -0.12 12.20 13.70
CA SER H 82 -0.95 13.30 13.19
C SER H 82 -2.39 12.85 12.92
N ARG H 83 -2.53 11.72 12.22
CA ARG H 83 -3.87 11.20 11.96
C ARG H 83 -4.63 10.93 13.27
N LEU H 84 -3.96 10.28 14.25
CA LEU H 84 -4.58 9.97 15.55
C LEU H 84 -5.07 11.21 16.28
N ALA H 85 -4.24 12.26 16.29
CA ALA H 85 -4.66 13.57 16.78
C ALA H 85 -5.92 14.03 16.09
N HIS H 86 -5.90 14.07 14.74
CA HIS H 86 -7.06 14.53 13.98
C HIS H 86 -8.31 13.71 14.30
N TYR H 87 -8.21 12.37 14.23
CA TYR H 87 -9.37 11.51 14.51
C TYR H 87 -9.95 11.83 15.87
N ASN H 88 -9.11 12.26 16.81
CA ASN H 88 -9.63 12.49 18.14
C ASN H 88 -9.85 13.96 18.43
N LYS H 89 -9.86 14.80 17.40
CA LYS H 89 -10.31 16.19 17.53
C LYS H 89 -9.45 16.92 18.55
N ARG H 90 -8.15 16.66 18.51
CA ARG H 90 -7.19 17.29 19.40
C ARG H 90 -6.15 17.97 18.54
N SER H 91 -5.65 19.10 19.02
CA SER H 91 -4.77 19.93 18.22
C SER H 91 -3.31 19.69 18.54
N THR H 92 -3.01 18.73 19.39
CA THR H 92 -1.63 18.58 19.83
C THR H 92 -1.17 17.12 19.78
N ILE H 93 0.07 16.91 19.34
CA ILE H 93 0.69 15.59 19.28
C ILE H 93 1.53 15.41 20.53
N THR H 94 1.08 14.55 21.43
CA THR H 94 1.78 14.28 22.67
C THR H 94 2.52 12.95 22.57
N SER H 95 3.23 12.59 23.65
CA SER H 95 3.89 11.29 23.65
C SER H 95 2.88 10.14 23.60
N ARG H 96 1.65 10.36 24.05
CA ARG H 96 0.64 9.33 23.92
C ARG H 96 0.30 9.03 22.44
N GLU H 97 0.21 10.08 21.59
CA GLU H 97 0.09 9.86 20.15
C GLU H 97 1.26 9.04 19.61
N ILE H 98 2.50 9.44 19.94
CA ILE H 98 3.67 8.71 19.43
C ILE H 98 3.62 7.25 19.87
N GLN H 99 3.01 6.99 21.02
CA GLN H 99 2.99 5.63 21.54
C GLN H 99 1.99 4.77 20.77
N THR H 100 0.76 5.27 20.65
CA THR H 100 -0.22 4.57 19.85
C THR H 100 0.26 4.40 18.42
N ALA H 101 0.92 5.43 17.89
CA ALA H 101 1.55 5.34 16.58
C ALA H 101 2.49 4.15 16.50
N VAL H 102 3.44 4.05 17.45
CA VAL H 102 4.40 2.95 17.39
C VAL H 102 3.71 1.60 17.52
N ARG H 103 2.66 1.51 18.32
CA ARG H 103 1.95 0.23 18.40
C ARG H 103 1.31 -0.14 17.07
N LEU H 104 0.70 0.85 16.37
CA LEU H 104 0.09 0.58 15.05
C LEU H 104 1.15 0.20 14.03
N LEU H 105 2.25 0.92 14.03
CA LEU H 105 3.25 0.78 13.00
C LEU H 105 4.21 -0.38 13.23
N LEU H 106 4.57 -0.69 14.58
CA LEU H 106 5.67 -1.65 14.71
C LEU H 106 5.12 -3.04 14.99
N PRO H 107 5.76 -4.04 14.38
CA PRO H 107 5.33 -5.42 14.59
C PRO H 107 5.74 -5.90 15.98
N GLY H 108 4.81 -6.55 16.67
CA GLY H 108 5.10 -7.42 17.81
C GLY H 108 6.13 -6.97 18.82
N GLU H 109 7.23 -7.75 18.84
CA GLU H 109 8.27 -7.52 19.85
C GLU H 109 8.98 -6.20 19.63
N LEU H 110 9.15 -5.77 18.38
CA LEU H 110 9.72 -4.44 18.13
C LEU H 110 8.84 -3.37 18.73
N ALA H 111 7.52 -3.52 18.60
CA ALA H 111 6.63 -2.55 19.21
C ALA H 111 6.86 -2.51 20.71
N LYS H 112 6.91 -3.70 21.35
CA LYS H 112 6.96 -3.78 22.81
C LYS H 112 8.25 -3.16 23.37
N HIS H 113 9.39 -3.55 22.80
CA HIS H 113 10.65 -2.94 23.20
C HIS H 113 10.64 -1.42 22.98
N ALA H 114 10.16 -0.97 21.81
CA ALA H 114 10.20 0.47 21.52
C ALA H 114 9.31 1.25 22.46
N VAL H 115 8.11 0.73 22.76
CA VAL H 115 7.24 1.38 23.73
C VAL H 115 7.95 1.52 25.05
N SER H 116 8.65 0.46 25.48
CA SER H 116 9.36 0.58 26.74
C SER H 116 10.41 1.68 26.68
N GLU H 117 11.32 1.62 25.69
CA GLU H 117 12.45 2.54 25.68
C GLU H 117 11.97 3.98 25.48
N GLY H 118 10.80 4.18 24.85
CA GLY H 118 10.23 5.52 24.81
C GLY H 118 9.68 5.98 26.13
N THR H 119 8.91 5.12 26.80
CA THR H 119 8.40 5.46 28.14
C THR H 119 9.52 5.70 29.14
N LYS H 120 10.61 4.94 29.04
CA LYS H 120 11.72 5.16 29.96
C LYS H 120 12.45 6.44 29.59
N ALA H 121 12.55 6.79 28.29
CA ALA H 121 13.15 8.10 27.97
C ALA H 121 12.29 9.26 28.49
N VAL H 122 10.98 9.10 28.52
CA VAL H 122 10.13 10.21 28.94
C VAL H 122 10.15 10.36 30.47
N THR H 123 10.00 9.27 31.25
CA THR H 123 10.14 9.43 32.71
C THR H 123 11.53 9.93 33.08
N LYS H 124 12.58 9.31 32.52
CA LYS H 124 13.93 9.80 32.74
C LYS H 124 14.09 11.27 32.36
N TYR H 125 13.34 11.76 31.37
CA TYR H 125 13.45 13.16 30.93
C TYR H 125 12.78 14.10 31.92
N THR H 126 11.64 13.68 32.48
CA THR H 126 10.92 14.53 33.41
C THR H 126 11.69 14.65 34.73
N SER H 127 12.04 13.52 35.33
CA SER H 127 12.75 13.58 36.58
C SER H 127 14.16 14.18 36.43
N ALA H 128 14.60 14.44 35.20
CA ALA H 128 15.93 15.02 34.98
C ALA H 128 15.85 16.33 34.19
N1 5CM I 60 28.82 -11.73 -25.82
C2 5CM I 60 30.14 -11.69 -26.30
N3 5CM I 60 31.05 -12.62 -25.95
C4 5CM I 60 30.72 -13.62 -25.10
C5 5CM I 60 29.33 -13.67 -24.59
C5A 5CM I 60 28.92 -14.77 -23.64
C6 5CM I 60 28.42 -12.70 -24.99
O2 5CM I 60 30.46 -10.77 -27.07
N4 5CM I 60 31.63 -14.55 -24.75
C1' 5CM I 60 27.90 -10.68 -26.26
C2' 5CM I 60 26.47 -11.17 -26.34
C3' 5CM I 60 25.64 -10.03 -25.78
C4' 5CM I 60 26.64 -8.97 -25.35
O4' 5CM I 60 27.92 -9.59 -25.35
O3' 5CM I 60 24.83 -9.41 -26.76
C5' 5CM I 60 26.26 -8.40 -23.99
O5' 5CM I 60 26.40 -9.45 -23.04
P 5CM I 60 26.30 -9.16 -21.47
OP1 5CM I 60 25.08 -8.29 -21.30
OP2 5CM I 60 26.41 -10.48 -20.74
N1 5CM I 83 -28.29 -34.91 -1.69
C2 5CM I 83 -27.68 -35.76 -0.74
N3 5CM I 83 -26.64 -35.35 0.01
C4 5CM I 83 -26.17 -34.10 -0.11
C5 5CM I 83 -26.79 -33.20 -1.09
C5A 5CM I 83 -26.28 -31.81 -1.25
C6 5CM I 83 -27.86 -33.66 -1.86
O2 5CM I 83 -28.11 -36.92 -0.62
N4 5CM I 83 -25.12 -33.68 0.65
C1' 5CM I 83 -29.42 -35.47 -2.46
C2' 5CM I 83 -30.72 -34.69 -2.38
C3' 5CM I 83 -31.31 -34.81 -3.78
C4' 5CM I 83 -30.31 -35.61 -4.60
O4' 5CM I 83 -29.10 -35.64 -3.85
O3' 5CM I 83 -32.59 -35.48 -3.78
C5' 5CM I 83 -30.05 -34.94 -5.94
O5' 5CM I 83 -29.67 -33.59 -5.65
P 5CM I 83 -29.23 -32.59 -6.82
OP1 5CM I 83 -30.07 -32.95 -8.03
OP2 5CM I 83 -29.27 -31.25 -6.17
N1 5CM I 93 -37.84 -9.35 18.93
C2 5CM I 93 -37.86 -10.35 19.91
N3 5CM I 93 -36.74 -10.91 20.36
C4 5CM I 93 -35.54 -10.51 19.89
C5 5CM I 93 -35.49 -9.46 18.86
C5A 5CM I 93 -34.13 -9.07 18.37
C6 5CM I 93 -36.67 -8.90 18.42
O2 5CM I 93 -38.98 -10.71 20.35
N4 5CM I 93 -34.38 -11.05 20.31
C1' 5CM I 93 -39.16 -8.84 18.55
C2' 5CM I 93 -39.17 -7.47 17.87
C3' 5CM I 93 -40.22 -7.62 16.77
C4' 5CM I 93 -40.65 -9.08 16.75
O4' 5CM I 93 -39.83 -9.78 17.70
O3' 5CM I 93 -41.37 -6.72 16.79
C5' 5CM I 93 -40.41 -9.69 15.36
O5' 5CM I 93 -40.21 -8.63 14.42
P 5CM I 93 -39.07 -8.70 13.29
OP1 5CM I 93 -39.74 -8.52 11.94
OP2 5CM I 93 -37.92 -7.79 13.69
N1 5CM I 109 -1.65 24.53 33.12
C2 5CM I 109 -2.64 25.11 32.30
N3 5CM I 109 -2.68 26.45 32.14
C4 5CM I 109 -1.79 27.24 32.76
C5 5CM I 109 -0.75 26.61 33.63
C5A 5CM I 109 0.29 27.42 34.36
C6 5CM I 109 -0.73 25.24 33.76
O2 5CM I 109 -3.46 24.39 31.72
N4 5CM I 109 -1.85 28.58 32.59
C1' 5CM I 109 -1.61 23.08 33.27
C2' 5CM I 109 -0.20 22.60 33.04
C3' 5CM I 109 0.12 21.68 34.19
C4' 5CM I 109 -1.15 21.63 35.02
O4' 5CM I 109 -1.94 22.75 34.62
O3' 5CM I 109 0.35 20.38 33.64
C5' 5CM I 109 -0.92 21.58 36.53
O5' 5CM I 109 -2.17 21.80 37.19
P 5CM I 109 -3.17 20.63 37.67
OP1 5CM I 109 -3.01 19.42 36.79
OP2 5CM I 109 -3.04 20.46 39.16
N1 5CM I 119 27.81 25.98 20.94
C2 5CM I 119 27.09 26.43 19.81
N3 5CM I 119 27.53 27.49 19.08
C4 5CM I 119 28.68 28.12 19.41
C5 5CM I 119 29.46 27.64 20.59
C5A 5CM I 119 30.74 28.27 21.03
C6 5CM I 119 28.97 26.55 21.30
O2 5CM I 119 26.02 25.85 19.49
N4 5CM I 119 29.09 29.17 18.66
C1' 5CM I 119 27.33 24.82 21.68
C2' 5CM I 119 28.55 23.98 22.01
C3' 5CM I 119 28.29 23.49 23.43
C4' 5CM I 119 26.93 24.04 23.84
O4' 5CM I 119 26.61 25.08 22.90
O3' 5CM I 119 28.57 22.07 23.56
C5' 5CM I 119 26.97 24.65 25.23
O5' 5CM I 119 28.29 25.18 25.48
P 5CM I 119 28.58 26.44 26.46
OP1 5CM I 119 28.20 26.01 27.86
OP2 5CM I 119 29.96 26.95 26.14
N1 5CM I 132 40.33 -6.02 -1.94
C2 5CM I 132 41.66 -6.23 -1.51
N3 5CM I 132 41.95 -7.00 -0.44
C4 5CM I 132 40.96 -7.61 0.24
C5 5CM I 132 39.55 -7.43 -0.19
C5A 5CM I 132 38.42 -8.10 0.56
C6 5CM I 132 39.30 -6.62 -1.30
O2 5CM I 132 42.60 -5.67 -2.14
N4 5CM I 132 41.25 -8.39 1.31
C1' 5CM I 132 40.09 -5.16 -3.11
C2' 5CM I 132 39.12 -5.80 -4.09
C3' 5CM I 132 38.04 -4.76 -4.34
C4' 5CM I 132 38.32 -3.60 -3.40
O4' 5CM I 132 39.52 -3.92 -2.68
O3' 5CM I 132 38.14 -4.27 -5.68
C5' 5CM I 132 37.15 -3.45 -2.46
O5' 5CM I 132 36.78 -4.76 -2.01
P 5CM I 132 35.79 -4.85 -0.75
OP1 5CM I 132 34.45 -4.36 -1.24
OP2 5CM I 132 35.89 -6.21 -0.07
N1 5CM J 13 49.13 -10.34 0.33
C2 5CM J 13 47.98 -10.14 -0.49
N3 5CM J 13 46.78 -9.81 0.05
C4 5CM J 13 46.63 -9.69 1.39
C5 5CM J 13 47.81 -9.90 2.26
C5A 5CM J 13 47.69 -9.77 3.75
C6 5CM J 13 49.02 -10.23 1.67
O2 5CM J 13 48.08 -10.24 -1.73
N4 5CM J 13 45.43 -9.37 1.93
C1' 5CM J 13 50.42 -10.69 -0.30
C2' 5CM J 13 51.25 -9.43 -0.53
C3' 5CM J 13 52.51 -9.63 0.30
C4' 5CM J 13 52.58 -11.13 0.51
O4' 5CM J 13 51.21 -11.56 0.52
O3' 5CM J 13 53.66 -9.11 -0.38
C5' 5CM J 13 53.29 -11.53 1.79
O5' 5CM J 13 52.34 -12.05 2.72
P 5CM J 13 52.52 -13.55 3.28
OP1 5CM J 13 53.93 -13.98 3.03
OP2 5CM J 13 51.94 -13.64 4.68
N1 5CM J 26 28.78 29.81 13.05
C2 5CM J 26 29.24 28.69 13.82
N3 5CM J 26 30.16 28.85 14.81
C4 5CM J 26 30.66 30.08 15.08
C5 5CM J 26 30.20 31.26 14.30
C5A 5CM J 26 30.71 32.67 14.54
C6 5CM J 26 29.25 31.05 13.30
O2 5CM J 26 28.80 27.54 13.61
N4 5CM J 26 31.59 30.24 16.07
C1' 5CM J 26 27.76 29.67 11.98
C2' 5CM J 26 27.41 31.02 11.35
C3' 5CM J 26 27.03 30.70 9.90
C4' 5CM J 26 27.70 29.35 9.65
O4' 5CM J 26 28.16 28.82 10.90
O3' 5CM J 26 25.60 30.65 9.86
C5' 5CM J 26 28.88 29.47 8.68
O5' 5CM J 26 29.49 30.76 8.76
P 5CM J 26 31.09 30.96 8.89
OP1 5CM J 26 31.76 30.46 7.63
OP2 5CM J 26 31.35 32.38 9.36
N1 5CM J 36 -3.64 32.01 27.85
C2 5CM J 36 -2.48 31.26 28.14
N3 5CM J 36 -2.06 31.08 29.41
C4 5CM J 36 -2.75 31.60 30.45
C5 5CM J 36 -3.99 32.38 30.17
C5A 5CM J 36 -4.81 32.98 31.26
C6 5CM J 36 -4.38 32.53 28.84
O2 5CM J 36 -1.82 30.77 27.19
N4 5CM J 36 -2.31 31.40 31.72
C1' 5CM J 36 -4.07 32.17 26.45
C2' 5CM J 36 -5.15 33.23 26.28
C3' 5CM J 36 -4.83 33.94 24.97
C4' 5CM J 36 -3.47 33.38 24.54
O4' 5CM J 36 -2.99 32.53 25.59
O3' 5CM J 36 -5.96 33.78 24.08
C5' 5CM J 36 -2.50 34.52 24.33
O5' 5CM J 36 -2.52 35.31 25.52
P 5CM J 36 -2.59 36.94 25.54
OP1 5CM J 36 -2.97 37.39 24.15
OP2 5CM J 36 -3.39 37.36 26.75
N1 5CM J 52 -33.40 -11.52 26.50
C2 5CM J 52 -33.98 -10.49 25.73
N3 5CM J 52 -33.50 -10.19 24.51
C4 5CM J 52 -32.46 -10.87 24.00
C5 5CM J 52 -31.85 -11.96 24.79
C5A 5CM J 52 -30.68 -12.78 24.28
C6 5CM J 52 -32.37 -12.25 26.04
O2 5CM J 52 -34.95 -9.85 26.21
N4 5CM J 52 -32.00 -10.55 22.76
C1' 5CM J 52 -33.94 -11.82 27.83
C2' 5CM J 52 -33.90 -13.32 28.03
C3' 5CM J 52 -33.03 -13.52 29.25
C4' 5CM J 52 -32.84 -12.14 29.88
O4' 5CM J 52 -33.16 -11.20 28.85
O3' 5CM J 52 -33.70 -14.41 30.12
C5' 5CM J 52 -31.41 -11.94 30.37
O5' 5CM J 52 -30.55 -12.86 29.68
P 5CM J 52 -28.94 -12.75 29.75
OP1 5CM J 52 -28.51 -13.25 31.11
OP2 5CM J 52 -28.35 -13.45 28.55
N1 5CM J 62 -25.03 -35.57 7.30
C2 5CM J 62 -26.25 -35.36 6.60
N3 5CM J 62 -26.38 -34.52 5.55
C4 5CM J 62 -25.30 -33.82 5.14
C5 5CM J 62 -24.00 -34.02 5.86
C5A 5CM J 62 -22.74 -33.27 5.45
C6 5CM J 62 -23.93 -34.91 6.93
O2 5CM J 62 -27.27 -35.99 6.98
N4 5CM J 62 -25.44 -32.98 4.09
C1' 5CM J 62 -25.04 -36.50 8.43
C2' 5CM J 62 -23.70 -37.07 8.85
C3' 5CM J 62 -23.90 -37.33 10.34
C4' 5CM J 62 -24.94 -36.31 10.77
O4' 5CM J 62 -25.56 -35.83 9.59
O3' 5CM J 62 -24.56 -38.58 10.56
C5' 5CM J 62 -24.39 -35.18 11.62
O5' 5CM J 62 -22.97 -35.08 11.47
P 5CM J 62 -22.29 -33.63 11.33
OP1 5CM J 62 -22.78 -32.78 12.47
OP2 5CM J 62 -20.83 -33.87 11.01
N1 5CM J 85 34.51 -18.09 -29.34
C2 5CM J 85 33.15 -18.29 -28.99
N3 5CM J 85 32.73 -18.12 -27.72
C4 5CM J 85 33.59 -17.74 -26.76
C5 5CM J 85 35.02 -17.51 -27.10
C5A 5CM J 85 36.01 -17.08 -26.06
C6 5CM J 85 35.41 -17.70 -28.43
O2 5CM J 85 32.32 -18.64 -29.86
N4 5CM J 85 33.17 -17.56 -25.49
C1' 5CM J 85 34.96 -18.27 -30.74
C2' 5CM J 85 36.40 -17.80 -30.90
C3' 5CM J 85 37.13 -18.90 -31.67
C4' 5CM J 85 36.02 -19.88 -32.07
O4' 5CM J 85 34.89 -19.61 -31.23
O3' 5CM J 85 37.83 -18.46 -32.85
C5' 5CM J 85 36.50 -21.30 -31.85
O5' 5CM J 85 36.27 -21.59 -30.49
P 5CM J 85 37.46 -21.93 -29.46
OP1 5CM J 85 38.40 -22.90 -30.15
OP2 5CM J 85 38.00 -20.64 -28.89
#